data_8E90
#
_entry.id   8E90
#
_cell.length_a   58.417
_cell.length_b   86.134
_cell.length_c   202.027
_cell.angle_alpha   90.000
_cell.angle_beta   90.000
_cell.angle_gamma   90.000
#
_symmetry.space_group_name_H-M   'P 21 21 21'
#
loop_
_entity.id
_entity.type
_entity.pdbx_description
1 polymer 'Isoform 2 of Menin'
2 non-polymer 2-({4-[7-({(1r,4r)-4-[(ethanesulfonyl)amino]cyclohexyl}methyl)-2,7-diazaspiro[3.5]nonan-2-yl]pyrimidin-5-yl}oxy)-N-ethyl-5-fluoro-N-(propan-2-yl)benzamide
3 non-polymer 1,2-ETHANEDIOL
4 non-polymer '2-(N-MORPHOLINO)-ETHANESULFONIC ACID'
5 water water
#
_entity_poly.entity_id   1
_entity_poly.type   'polypeptide(L)'
_entity_poly.pdbx_seq_one_letter_code
;MGLKTAQKTLFPLRSIDDVVRLFAAELGREEPDLVLLSLVLGFVEHFLAVNRVIPTNVPELTFQPSPAPDPPGGLTYFPV
ADLSIIAALYARFTAQIRGAVDLSLYPREGGVSSRELVKKVSDVIWNSLSRSYFKDRAHIQSLFSFITGTKLDSSGVAFA
VVGACQALGLRDVHLALSEDHAWVVFGPNGEQTAEVTWHGKGNEDRRGQTVNAGVAERSWLYLKGSYMRCDRKMEVAFMV
CAINPSIDLHTDSLELLQLQQKLLWLLYDLGHLERYPMALGNLADLEELEPTPGRPDPLTLYHKGIASAKTYYRDEHIYP
YIYLAGYHCRNRNVREALQAWADTATVIQDYNYCREDEEIYKEFFEVANDVIPNLLKEAASLLEAGEERPGEQSQGTQSQ
GSALQDPECFAHLLRFYDGICKWEEGSPTPVLHVGWATFLVQSLGRFEGQVRQKVRITFQSEKMKGMKELLVATKINSSA
IKLQLTAQS
;
_entity_poly.pdbx_strand_id   A,B
#
# COMPACT_ATOMS: atom_id res chain seq x y z
N GLY A 2 6.82 -11.69 -46.44
CA GLY A 2 6.02 -12.62 -47.29
C GLY A 2 4.53 -12.54 -46.97
N LEU A 3 3.98 -11.33 -46.90
CA LEU A 3 2.53 -11.09 -46.59
C LEU A 3 1.69 -11.48 -47.82
N LYS A 4 0.56 -12.16 -47.60
CA LYS A 4 -0.44 -12.45 -48.66
C LYS A 4 -1.13 -11.14 -49.08
N THR A 5 -1.69 -11.14 -50.29
CA THR A 5 -2.39 -9.99 -50.91
C THR A 5 -3.57 -9.56 -50.03
N ALA A 6 -4.35 -10.52 -49.53
CA ALA A 6 -5.54 -10.26 -48.69
C ALA A 6 -5.14 -9.48 -47.41
N GLN A 7 -3.91 -9.63 -46.93
CA GLN A 7 -3.43 -8.92 -45.71
C GLN A 7 -3.10 -7.45 -46.06
N LYS A 8 -2.48 -7.21 -47.22
CA LYS A 8 -2.00 -5.87 -47.65
C LYS A 8 -3.18 -4.89 -47.88
N THR A 9 -4.35 -5.37 -48.32
CA THR A 9 -5.44 -4.50 -48.85
C THR A 9 -6.08 -3.65 -47.74
N LEU A 10 -5.90 -3.96 -46.45
CA LEU A 10 -6.49 -3.10 -45.38
C LEU A 10 -5.36 -2.45 -44.59
N PHE A 11 -4.16 -2.28 -45.18
CA PHE A 11 -3.37 -1.06 -45.05
C PHE A 11 -3.65 0.06 -46.05
N PRO A 12 -3.35 1.33 -45.68
CA PRO A 12 -2.77 1.67 -44.37
C PRO A 12 -3.79 1.63 -43.22
N LEU A 13 -3.33 1.45 -41.97
CA LEU A 13 -4.23 1.51 -40.79
C LEU A 13 -4.30 2.97 -40.34
N ARG A 14 -5.48 3.61 -40.40
CA ARG A 14 -5.63 5.05 -40.07
C ARG A 14 -6.37 5.29 -38.75
N SER A 15 -6.87 4.26 -38.12
CA SER A 15 -7.75 4.40 -36.92
C SER A 15 -7.68 3.12 -36.11
N ILE A 16 -8.14 3.23 -34.88
CA ILE A 16 -8.44 2.08 -33.99
C ILE A 16 -9.33 1.09 -34.74
N ASP A 17 -10.40 1.52 -35.41
CA ASP A 17 -11.33 0.57 -36.09
C ASP A 17 -10.62 -0.15 -37.24
N ASP A 18 -9.67 0.49 -37.93
CA ASP A 18 -8.90 -0.20 -39.00
C ASP A 18 -8.07 -1.34 -38.36
N VAL A 19 -7.50 -1.09 -37.17
CA VAL A 19 -6.74 -2.17 -36.48
C VAL A 19 -7.69 -3.34 -36.15
N VAL A 20 -8.87 -3.03 -35.62
CA VAL A 20 -9.91 -4.01 -35.24
C VAL A 20 -10.27 -4.82 -36.51
N ARG A 21 -10.48 -4.13 -37.63
CA ARG A 21 -10.76 -4.81 -38.92
C ARG A 21 -9.61 -5.74 -39.32
N LEU A 22 -8.35 -5.38 -39.12
CA LEU A 22 -7.23 -6.28 -39.45
C LEU A 22 -7.27 -7.53 -38.55
N PHE A 23 -7.54 -7.34 -37.26
CA PHE A 23 -7.66 -8.49 -36.31
C PHE A 23 -8.83 -9.36 -36.74
N ALA A 24 -9.95 -8.75 -37.13
CA ALA A 24 -11.15 -9.50 -37.53
C ALA A 24 -10.80 -10.40 -38.72
N ALA A 25 -10.10 -9.87 -39.72
CA ALA A 25 -9.70 -10.60 -40.94
C ALA A 25 -8.77 -11.75 -40.55
N GLU A 26 -7.75 -11.48 -39.74
CA GLU A 26 -6.78 -12.53 -39.33
C GLU A 26 -7.50 -13.64 -38.53
N LEU A 27 -8.42 -13.27 -37.66
CA LEU A 27 -9.12 -14.24 -36.80
C LEU A 27 -10.11 -15.10 -37.60
N GLY A 28 -10.50 -14.68 -38.81
CA GLY A 28 -11.28 -15.50 -39.76
C GLY A 28 -10.44 -16.53 -40.51
N ARG A 29 -9.14 -16.67 -40.20
CA ARG A 29 -8.21 -17.66 -40.84
C ARG A 29 -7.89 -18.77 -39.83
N GLU A 30 -7.38 -19.92 -40.29
CA GLU A 30 -6.99 -21.05 -39.41
C GLU A 30 -5.69 -20.71 -38.69
N GLU A 31 -4.81 -19.93 -39.32
CA GLU A 31 -3.56 -19.44 -38.68
C GLU A 31 -3.58 -17.91 -38.72
N PRO A 32 -4.25 -17.22 -37.78
CA PRO A 32 -4.05 -15.78 -37.67
C PRO A 32 -2.55 -15.53 -37.56
N ASP A 33 -2.07 -14.49 -38.22
CA ASP A 33 -0.62 -14.23 -38.34
C ASP A 33 -0.15 -13.49 -37.08
N LEU A 34 0.47 -14.21 -36.15
CA LEU A 34 0.88 -13.66 -34.82
C LEU A 34 1.92 -12.58 -35.00
N VAL A 35 2.84 -12.75 -35.96
CA VAL A 35 3.94 -11.78 -36.19
C VAL A 35 3.33 -10.46 -36.70
N LEU A 36 2.45 -10.52 -37.69
CA LEU A 36 1.82 -9.30 -38.26
C LEU A 36 1.03 -8.57 -37.17
N LEU A 37 0.20 -9.30 -36.42
CA LEU A 37 -0.69 -8.68 -35.42
C LEU A 37 0.14 -8.05 -34.30
N SER A 38 1.16 -8.74 -33.82
CA SER A 38 2.01 -8.24 -32.70
C SER A 38 2.80 -7.04 -33.19
N LEU A 39 3.32 -7.08 -34.41
CA LEU A 39 4.05 -5.91 -34.97
C LEU A 39 3.10 -4.70 -35.00
N VAL A 40 1.87 -4.87 -35.45
CA VAL A 40 0.89 -3.76 -35.55
C VAL A 40 0.61 -3.19 -34.17
N LEU A 41 0.27 -4.06 -33.20
CA LEU A 41 0.00 -3.57 -31.83
C LEU A 41 1.22 -2.84 -31.30
N GLY A 42 2.42 -3.37 -31.51
CA GLY A 42 3.62 -2.76 -30.91
C GLY A 42 3.94 -1.40 -31.54
N PHE A 43 3.75 -1.29 -32.84
CA PHE A 43 3.91 -0.03 -33.60
C PHE A 43 2.96 1.01 -32.99
N VAL A 44 1.68 0.69 -32.87
CA VAL A 44 0.64 1.65 -32.40
C VAL A 44 0.95 2.00 -30.94
N GLU A 45 1.27 1.01 -30.09
CA GLU A 45 1.61 1.28 -28.68
C GLU A 45 2.86 2.13 -28.59
N HIS A 46 3.86 1.89 -29.43
CA HIS A 46 5.13 2.66 -29.33
C HIS A 46 4.80 4.16 -29.50
N PHE A 47 3.98 4.52 -30.49
CA PHE A 47 3.72 5.94 -30.82
C PHE A 47 2.58 6.52 -29.98
N LEU A 48 1.71 5.72 -29.37
CA LEU A 48 0.63 6.21 -28.48
C LEU A 48 1.07 6.21 -27.02
N ALA A 49 2.12 5.47 -26.63
CA ALA A 49 2.51 5.40 -25.21
C ALA A 49 4.02 5.63 -25.00
N VAL A 50 4.92 4.97 -25.75
CA VAL A 50 6.39 5.03 -25.49
C VAL A 50 6.88 6.45 -25.79
N ASN A 51 6.56 6.93 -27.01
CA ASN A 51 7.10 8.19 -27.58
C ASN A 51 6.09 9.33 -27.40
N ARG A 52 5.05 9.12 -26.57
CA ARG A 52 4.02 10.10 -26.14
C ARG A 52 3.84 9.99 -24.62
N SER A 66 -11.31 34.22 -27.19
CA SER A 66 -12.29 33.44 -26.39
C SER A 66 -12.15 31.92 -26.59
N PRO A 67 -11.71 31.34 -27.76
CA PRO A 67 -11.32 29.93 -27.82
C PRO A 67 -10.12 29.61 -26.90
N ALA A 68 -10.12 28.49 -26.18
CA ALA A 68 -8.95 28.07 -25.36
C ALA A 68 -7.70 28.05 -26.24
N PRO A 69 -6.51 28.43 -25.73
CA PRO A 69 -5.29 28.48 -26.54
C PRO A 69 -4.81 27.07 -26.94
N ASP A 70 -5.17 26.08 -26.15
CA ASP A 70 -4.88 24.65 -26.42
C ASP A 70 -6.20 23.90 -26.35
N PRO A 71 -6.33 22.78 -27.09
CA PRO A 71 -7.54 21.98 -27.05
C PRO A 71 -7.99 21.73 -25.62
N PRO A 72 -9.20 22.19 -25.21
CA PRO A 72 -9.52 22.24 -23.79
C PRO A 72 -9.79 20.86 -23.17
N GLY A 73 -10.07 19.86 -23.99
CA GLY A 73 -10.21 18.46 -23.51
C GLY A 73 -9.04 17.60 -23.91
N GLY A 74 -7.94 18.20 -24.39
CA GLY A 74 -6.81 17.47 -24.99
C GLY A 74 -7.14 16.94 -26.37
N LEU A 75 -6.20 16.18 -26.93
CA LEU A 75 -6.26 15.55 -28.26
C LEU A 75 -6.24 14.03 -28.08
N THR A 76 -6.89 13.31 -28.99
CA THR A 76 -6.57 11.88 -29.23
C THR A 76 -5.75 11.80 -30.51
N TYR A 77 -4.93 10.75 -30.63
CA TYR A 77 -3.92 10.61 -31.71
C TYR A 77 -4.10 9.22 -32.33
N PHE A 78 -3.64 9.06 -33.57
CA PHE A 78 -3.44 7.72 -34.19
C PHE A 78 -2.23 7.80 -35.10
N PRO A 79 -1.24 6.89 -34.89
CA PRO A 79 -0.07 6.81 -35.75
C PRO A 79 -0.38 5.98 -36.99
N VAL A 80 -0.51 6.60 -38.17
CA VAL A 80 -0.85 5.86 -39.42
C VAL A 80 0.18 4.74 -39.58
N ALA A 81 -0.31 3.51 -39.79
CA ALA A 81 0.56 2.33 -40.03
C ALA A 81 0.53 1.99 -41.52
N ASP A 82 1.57 2.43 -42.23
CA ASP A 82 1.80 2.17 -43.69
C ASP A 82 2.26 0.70 -43.86
N LEU A 83 1.83 0.06 -44.95
CA LEU A 83 2.24 -1.30 -45.35
C LEU A 83 3.77 -1.35 -45.41
N SER A 84 4.41 -0.36 -46.01
CA SER A 84 5.87 -0.34 -46.22
C SER A 84 6.60 -0.39 -44.88
N ILE A 85 6.03 0.18 -43.82
CA ILE A 85 6.68 0.13 -42.48
C ILE A 85 6.48 -1.27 -41.89
N ILE A 86 5.24 -1.74 -41.85
CA ILE A 86 4.86 -3.02 -41.18
C ILE A 86 5.46 -4.17 -42.00
N ALA A 87 5.35 -4.15 -43.33
CA ALA A 87 5.96 -5.17 -44.21
C ALA A 87 7.47 -5.28 -43.97
N ALA A 88 8.17 -4.17 -43.79
CA ALA A 88 9.63 -4.16 -43.58
C ALA A 88 9.98 -4.86 -42.25
N LEU A 89 9.23 -4.57 -41.19
CA LEU A 89 9.49 -5.19 -39.86
C LEU A 89 9.18 -6.69 -39.95
N TYR A 90 8.07 -7.04 -40.58
CA TYR A 90 7.63 -8.44 -40.79
C TYR A 90 8.73 -9.21 -41.54
N ALA A 91 9.28 -8.63 -42.62
CA ALA A 91 10.30 -9.32 -43.44
C ALA A 91 11.59 -9.45 -42.62
N ARG A 92 11.93 -8.46 -41.79
CA ARG A 92 13.12 -8.54 -40.91
C ARG A 92 12.95 -9.72 -39.95
N PHE A 93 11.76 -9.88 -39.35
CA PHE A 93 11.57 -10.95 -38.35
C PHE A 93 11.65 -12.30 -39.08
N THR A 94 10.90 -12.47 -40.15
CA THR A 94 10.76 -13.78 -40.84
C THR A 94 12.13 -14.14 -41.43
N ALA A 95 12.86 -13.18 -42.01
CA ALA A 95 14.22 -13.45 -42.58
C ALA A 95 15.19 -13.85 -41.46
N GLN A 96 15.15 -13.19 -40.30
CA GLN A 96 16.06 -13.53 -39.15
C GLN A 96 15.79 -14.97 -38.67
N ILE A 97 14.52 -15.33 -38.49
CA ILE A 97 14.15 -16.68 -37.98
C ILE A 97 14.48 -17.73 -39.05
N ARG A 98 14.01 -17.56 -40.29
CA ARG A 98 14.24 -18.55 -41.39
C ARG A 98 15.73 -18.66 -41.71
N GLY A 99 16.46 -17.55 -41.63
CA GLY A 99 17.92 -17.51 -41.81
C GLY A 99 18.64 -18.32 -40.76
N ALA A 100 18.17 -18.32 -39.51
CA ALA A 100 18.93 -18.85 -38.36
C ALA A 100 18.57 -20.32 -38.10
N VAL A 101 17.47 -20.81 -38.64
CA VAL A 101 16.94 -22.19 -38.31
C VAL A 101 16.79 -22.99 -39.59
N ASP A 102 17.62 -24.02 -39.74
CA ASP A 102 17.59 -24.91 -40.92
C ASP A 102 16.70 -26.11 -40.61
N LEU A 103 15.48 -26.09 -41.11
CA LEU A 103 14.47 -27.15 -40.82
C LEU A 103 14.94 -28.52 -41.35
N SER A 104 15.78 -28.56 -42.40
CA SER A 104 16.36 -29.82 -42.96
C SER A 104 17.17 -30.57 -41.89
N LEU A 105 17.63 -29.90 -40.83
CA LEU A 105 18.47 -30.54 -39.78
C LEU A 105 17.60 -31.14 -38.67
N TYR A 106 16.28 -30.96 -38.70
CA TYR A 106 15.36 -31.33 -37.57
C TYR A 106 14.22 -32.19 -38.09
N PRO A 107 14.47 -33.50 -38.31
CA PRO A 107 13.46 -34.38 -38.93
C PRO A 107 12.11 -34.22 -38.20
N ARG A 108 11.03 -34.12 -38.96
CA ARG A 108 9.70 -33.67 -38.49
C ARG A 108 8.57 -34.37 -39.27
N GLU A 109 8.40 -35.68 -39.09
CA GLU A 109 7.22 -36.42 -39.58
C GLU A 109 6.07 -36.19 -38.58
N GLY A 110 4.86 -36.01 -39.10
CA GLY A 110 3.61 -36.03 -38.31
C GLY A 110 3.30 -34.71 -37.65
N GLY A 111 3.94 -33.62 -38.07
CA GLY A 111 3.65 -32.24 -37.60
C GLY A 111 3.85 -32.11 -36.11
N VAL A 112 4.77 -32.90 -35.54
CA VAL A 112 5.21 -32.73 -34.13
C VAL A 112 6.66 -32.25 -34.19
N SER A 113 6.94 -31.10 -33.58
CA SER A 113 8.30 -30.55 -33.47
C SER A 113 9.05 -31.35 -32.44
N SER A 114 10.35 -31.52 -32.64
CA SER A 114 11.28 -32.11 -31.65
C SER A 114 11.65 -31.08 -30.56
N ARG A 115 12.04 -31.57 -29.38
CA ARG A 115 12.49 -30.70 -28.27
C ARG A 115 13.71 -29.91 -28.75
N GLU A 116 14.59 -30.55 -29.55
CA GLU A 116 15.83 -29.86 -29.97
C GLU A 116 15.46 -28.71 -30.92
N LEU A 117 14.44 -28.89 -31.77
CA LEU A 117 13.98 -27.81 -32.69
C LEU A 117 13.40 -26.67 -31.84
N VAL A 118 12.60 -26.99 -30.84
CA VAL A 118 11.97 -25.94 -30.00
C VAL A 118 13.06 -25.19 -29.27
N LYS A 119 14.08 -25.89 -28.77
CA LYS A 119 15.21 -25.28 -28.05
C LYS A 119 16.01 -24.39 -28.98
N LYS A 120 16.19 -24.82 -30.23
CA LYS A 120 16.92 -24.02 -31.24
C LYS A 120 16.17 -22.69 -31.45
N VAL A 121 14.88 -22.75 -31.71
CA VAL A 121 14.10 -21.51 -32.00
C VAL A 121 14.16 -20.63 -30.76
N SER A 122 13.98 -21.23 -29.57
CA SER A 122 14.08 -20.52 -28.28
C SER A 122 15.43 -19.81 -28.17
N ASP A 123 16.54 -20.51 -28.48
CA ASP A 123 17.91 -19.94 -28.35
C ASP A 123 18.10 -18.80 -29.36
N VAL A 124 17.49 -18.89 -30.54
CA VAL A 124 17.61 -17.83 -31.58
C VAL A 124 16.99 -16.54 -31.01
N ILE A 125 15.79 -16.64 -30.41
CA ILE A 125 15.15 -15.45 -29.78
C ILE A 125 16.02 -14.96 -28.62
N TRP A 126 16.43 -15.85 -27.73
CA TRP A 126 17.18 -15.50 -26.50
C TRP A 126 18.48 -14.79 -26.84
N ASN A 127 19.24 -15.33 -27.79
CA ASN A 127 20.59 -14.82 -28.17
C ASN A 127 20.46 -13.50 -28.93
N SER A 128 19.29 -13.13 -29.42
CA SER A 128 19.03 -11.83 -30.11
C SER A 128 18.87 -10.68 -29.09
N LEU A 129 18.59 -10.95 -27.83
CA LEU A 129 18.17 -9.87 -26.89
C LEU A 129 19.39 -9.08 -26.42
N SER A 130 19.21 -7.78 -26.22
CA SER A 130 20.14 -6.89 -25.48
C SER A 130 20.50 -7.52 -24.14
N ARG A 131 21.75 -7.37 -23.73
CA ARG A 131 22.32 -8.03 -22.52
C ARG A 131 21.72 -7.37 -21.26
N SER A 132 21.42 -6.08 -21.30
CA SER A 132 21.09 -5.30 -20.08
C SER A 132 19.90 -4.36 -20.31
N TYR A 133 18.81 -4.59 -19.57
CA TYR A 133 17.60 -3.72 -19.58
C TYR A 133 16.74 -4.13 -18.41
N PHE A 134 15.89 -3.22 -17.94
CA PHE A 134 14.99 -3.50 -16.80
C PHE A 134 13.93 -4.50 -17.26
N LYS A 135 13.82 -5.62 -16.56
CA LYS A 135 12.92 -6.74 -16.91
C LYS A 135 11.44 -6.34 -16.79
N ASP A 136 11.10 -5.36 -15.96
CA ASP A 136 9.71 -4.89 -15.72
C ASP A 136 9.43 -3.65 -16.56
N ARG A 137 10.31 -3.30 -17.50
CA ARG A 137 10.11 -2.15 -18.41
C ARG A 137 8.78 -2.32 -19.18
N ALA A 138 8.01 -1.25 -19.32
CA ALA A 138 6.72 -1.23 -20.07
C ALA A 138 7.00 -1.20 -21.57
N HIS A 139 6.10 -1.77 -22.37
CA HIS A 139 6.10 -1.67 -23.85
C HIS A 139 7.25 -2.45 -24.48
N ILE A 140 7.69 -3.57 -23.88
CA ILE A 140 8.67 -4.49 -24.51
C ILE A 140 8.04 -5.90 -24.54
N GLN A 141 6.74 -5.97 -24.81
CA GLN A 141 5.99 -7.24 -24.86
C GLN A 141 5.90 -7.75 -26.29
N SER A 142 6.00 -6.85 -27.29
CA SER A 142 5.62 -7.18 -28.67
C SER A 142 6.82 -7.50 -29.57
N LEU A 143 6.54 -8.10 -30.71
CA LEU A 143 7.58 -8.38 -31.73
C LEU A 143 8.07 -7.04 -32.29
N PHE A 144 7.30 -5.96 -32.18
CA PHE A 144 7.83 -4.61 -32.53
C PHE A 144 9.03 -4.29 -31.66
N SER A 145 8.87 -4.52 -30.36
CA SER A 145 9.97 -4.28 -29.41
C SER A 145 11.17 -5.19 -29.72
N PHE A 146 10.91 -6.45 -30.02
CA PHE A 146 11.96 -7.44 -30.31
C PHE A 146 12.79 -6.98 -31.52
N ILE A 147 12.09 -6.61 -32.59
CA ILE A 147 12.77 -6.33 -33.90
C ILE A 147 13.47 -4.98 -33.81
N THR A 148 12.82 -3.96 -33.26
CA THR A 148 13.34 -2.57 -33.29
C THR A 148 14.19 -2.25 -32.08
N GLY A 149 14.09 -2.97 -30.96
CA GLY A 149 14.82 -2.64 -29.73
C GLY A 149 15.57 -3.82 -29.11
N THR A 150 15.48 -5.02 -29.70
CA THR A 150 16.05 -6.30 -29.19
C THR A 150 15.79 -6.40 -27.69
N LYS A 151 14.57 -6.04 -27.28
CA LYS A 151 14.16 -6.13 -25.84
C LYS A 151 12.78 -6.80 -25.76
N LEU A 152 12.67 -7.80 -24.90
CA LEU A 152 11.39 -8.45 -24.56
C LEU A 152 11.31 -8.63 -23.05
N ASP A 153 10.10 -8.52 -22.53
CA ASP A 153 9.83 -8.88 -21.13
C ASP A 153 9.69 -10.42 -21.05
N SER A 154 9.51 -10.94 -19.85
CA SER A 154 9.60 -12.40 -19.59
C SER A 154 8.67 -13.13 -20.56
N SER A 155 7.38 -12.87 -20.47
CA SER A 155 6.39 -13.60 -21.27
C SER A 155 6.51 -13.19 -22.74
N GLY A 156 7.04 -11.98 -23.02
CA GLY A 156 7.30 -11.57 -24.41
C GLY A 156 8.23 -12.54 -25.12
N VAL A 157 9.23 -13.06 -24.40
CA VAL A 157 10.18 -14.05 -24.97
C VAL A 157 9.38 -15.31 -25.39
N ALA A 158 8.54 -15.82 -24.52
CA ALA A 158 7.71 -17.01 -24.81
C ALA A 158 6.84 -16.73 -26.03
N PHE A 159 6.17 -15.58 -26.05
CA PHE A 159 5.32 -15.21 -27.18
C PHE A 159 6.13 -15.22 -28.49
N ALA A 160 7.32 -14.62 -28.48
CA ALA A 160 8.19 -14.46 -29.66
C ALA A 160 8.68 -15.85 -30.14
N VAL A 161 8.93 -16.77 -29.21
CA VAL A 161 9.28 -18.17 -29.59
C VAL A 161 8.12 -18.77 -30.37
N VAL A 162 6.90 -18.60 -29.89
CA VAL A 162 5.70 -19.13 -30.57
C VAL A 162 5.55 -18.44 -31.92
N GLY A 163 5.77 -17.12 -31.98
CA GLY A 163 5.63 -16.38 -33.25
C GLY A 163 6.64 -16.89 -34.27
N ALA A 164 7.87 -17.11 -33.83
CA ALA A 164 8.99 -17.65 -34.64
C ALA A 164 8.62 -19.05 -35.13
N CYS A 165 8.06 -19.89 -34.27
CA CYS A 165 7.64 -21.27 -34.65
C CYS A 165 6.54 -21.17 -35.72
N GLN A 166 5.57 -20.27 -35.59
CA GLN A 166 4.56 -20.07 -36.64
C GLN A 166 5.24 -19.63 -37.96
N ALA A 167 6.23 -18.74 -37.91
CA ALA A 167 6.97 -18.26 -39.10
C ALA A 167 7.71 -19.43 -39.77
N LEU A 168 8.12 -20.44 -38.99
CA LEU A 168 8.77 -21.68 -39.52
C LEU A 168 7.75 -22.75 -39.93
N GLY A 169 6.46 -22.53 -39.71
CA GLY A 169 5.42 -23.51 -40.06
C GLY A 169 5.28 -24.61 -39.02
N LEU A 170 5.71 -24.40 -37.78
CA LEU A 170 5.57 -25.41 -36.71
C LEU A 170 4.24 -25.26 -35.99
N ARG A 171 3.21 -25.90 -36.53
CA ARG A 171 1.81 -25.66 -36.13
C ARG A 171 1.52 -26.20 -34.72
N ASP A 172 2.35 -27.08 -34.20
CA ASP A 172 2.11 -27.75 -32.89
C ASP A 172 2.68 -26.90 -31.73
N VAL A 173 3.52 -25.90 -32.00
CA VAL A 173 4.16 -25.11 -30.90
C VAL A 173 3.21 -24.00 -30.44
N HIS A 174 2.84 -24.00 -29.15
CA HIS A 174 1.81 -23.08 -28.60
C HIS A 174 2.30 -22.42 -27.32
N LEU A 175 1.67 -21.32 -27.02
CA LEU A 175 1.95 -20.59 -25.75
C LEU A 175 1.20 -21.26 -24.61
N ALA A 176 1.91 -21.49 -23.50
CA ALA A 176 1.31 -21.95 -22.23
C ALA A 176 1.47 -20.81 -21.23
N LEU A 177 0.44 -20.56 -20.42
N LEU A 177 0.44 -20.60 -20.38
CA LEU A 177 0.61 -19.56 -19.35
CA LEU A 177 0.31 -19.46 -19.44
C LEU A 177 -0.17 -19.96 -18.11
C LEU A 177 -0.21 -19.97 -18.10
N SER A 178 0.49 -19.68 -17.01
CA SER A 178 -0.13 -19.71 -15.68
C SER A 178 -0.67 -18.31 -15.40
N GLU A 179 -0.92 -17.98 -14.15
CA GLU A 179 -1.33 -16.63 -13.78
C GLU A 179 -0.09 -15.75 -13.56
N ASP A 180 1.13 -16.28 -13.63
CA ASP A 180 2.32 -15.44 -13.40
C ASP A 180 3.52 -15.86 -14.28
N HIS A 181 3.37 -16.73 -15.26
CA HIS A 181 4.52 -17.26 -16.02
C HIS A 181 4.05 -17.77 -17.37
N ALA A 182 4.96 -17.85 -18.34
CA ALA A 182 4.66 -18.37 -19.66
C ALA A 182 5.76 -19.33 -20.09
N TRP A 183 5.39 -20.33 -20.87
CA TRP A 183 6.34 -21.28 -21.49
C TRP A 183 5.73 -21.79 -22.77
N VAL A 184 6.32 -22.81 -23.39
CA VAL A 184 5.70 -23.40 -24.60
C VAL A 184 5.32 -24.86 -24.39
N VAL A 185 4.27 -25.24 -25.09
CA VAL A 185 3.79 -26.64 -25.19
C VAL A 185 3.86 -27.04 -26.66
N PHE A 186 4.11 -28.31 -26.93
CA PHE A 186 4.35 -28.79 -28.31
C PHE A 186 4.16 -30.30 -28.34
N GLY A 187 4.35 -30.89 -29.52
CA GLY A 187 4.20 -32.35 -29.69
C GLY A 187 2.74 -32.74 -29.73
N PRO A 188 2.45 -34.07 -29.82
CA PRO A 188 1.08 -34.56 -29.90
C PRO A 188 0.34 -34.08 -28.64
N ASN A 189 -0.80 -33.42 -28.84
CA ASN A 189 -1.71 -32.95 -27.76
C ASN A 189 -1.10 -31.84 -26.92
N GLY A 190 0.02 -31.23 -27.32
CA GLY A 190 0.66 -30.23 -26.46
C GLY A 190 1.16 -30.85 -25.16
N GLU A 191 1.53 -32.13 -25.18
CA GLU A 191 1.94 -32.90 -23.97
C GLU A 191 3.40 -32.60 -23.60
N GLN A 192 4.22 -32.08 -24.53
CA GLN A 192 5.61 -31.69 -24.21
C GLN A 192 5.63 -30.24 -23.69
N THR A 193 6.51 -29.94 -22.76
CA THR A 193 6.63 -28.57 -22.20
C THR A 193 8.09 -28.19 -22.24
N ALA A 194 8.36 -26.92 -22.52
CA ALA A 194 9.72 -26.37 -22.42
C ALA A 194 9.66 -24.96 -21.85
N GLU A 195 10.43 -24.72 -20.80
CA GLU A 195 10.75 -23.36 -20.33
C GLU A 195 11.60 -22.67 -21.41
N VAL A 196 11.27 -21.43 -21.75
CA VAL A 196 11.96 -20.63 -22.79
C VAL A 196 12.31 -19.24 -22.24
N THR A 197 11.89 -18.89 -21.03
CA THR A 197 12.14 -17.53 -20.49
C THR A 197 12.43 -17.62 -19.00
N TRP A 198 12.77 -16.49 -18.42
CA TRP A 198 13.04 -16.39 -16.96
C TRP A 198 11.71 -16.20 -16.22
N HIS A 199 11.75 -16.37 -14.92
CA HIS A 199 10.61 -16.05 -14.01
C HIS A 199 11.13 -15.28 -12.81
N GLY A 200 10.55 -14.10 -12.58
CA GLY A 200 10.86 -13.27 -11.41
C GLY A 200 12.31 -12.79 -11.45
N LYS A 201 12.90 -12.49 -10.30
CA LYS A 201 14.24 -11.86 -10.18
C LYS A 201 15.09 -12.76 -9.29
N GLY A 202 16.33 -13.04 -9.70
CA GLY A 202 17.35 -13.75 -8.91
C GLY A 202 17.01 -15.22 -8.68
N ASN A 203 16.24 -15.81 -9.59
CA ASN A 203 15.84 -17.25 -9.51
C ASN A 203 16.80 -18.09 -10.37
N GLU A 204 16.91 -19.38 -10.04
CA GLU A 204 17.69 -20.38 -10.84
C GLU A 204 17.04 -20.50 -12.23
N ASP A 205 17.83 -20.57 -13.29
CA ASP A 205 17.39 -20.61 -14.71
C ASP A 205 16.85 -22.02 -14.98
N ARG A 206 15.65 -22.19 -15.53
CA ARG A 206 15.14 -23.55 -15.88
C ARG A 206 14.99 -23.70 -17.40
N ARG A 207 15.53 -22.78 -18.20
CA ARG A 207 15.30 -22.81 -19.66
C ARG A 207 15.74 -24.17 -20.20
N GLY A 208 14.88 -24.76 -21.06
CA GLY A 208 15.07 -26.07 -21.68
C GLY A 208 14.42 -27.18 -20.87
N GLN A 209 14.14 -26.95 -19.60
CA GLN A 209 13.46 -27.96 -18.74
C GLN A 209 11.96 -28.03 -19.03
N THR A 210 11.33 -29.16 -18.72
CA THR A 210 9.85 -29.30 -18.60
C THR A 210 9.35 -28.49 -17.39
N VAL A 211 8.03 -28.36 -17.26
CA VAL A 211 7.40 -27.76 -16.05
C VAL A 211 7.00 -28.88 -15.06
N ASN A 212 7.49 -30.10 -15.22
CA ASN A 212 6.97 -31.23 -14.41
C ASN A 212 7.23 -31.03 -12.92
N ALA A 213 8.39 -30.50 -12.51
CA ALA A 213 8.73 -30.30 -11.09
C ALA A 213 7.78 -29.23 -10.50
N GLY A 214 7.48 -28.18 -11.26
CA GLY A 214 6.58 -27.09 -10.83
C GLY A 214 5.16 -27.60 -10.60
N VAL A 215 4.67 -28.44 -11.49
CA VAL A 215 3.32 -29.06 -11.36
C VAL A 215 3.37 -29.96 -10.12
N ALA A 216 4.43 -30.73 -9.93
CA ALA A 216 4.44 -31.73 -8.83
C ALA A 216 4.50 -31.02 -7.47
N GLU A 217 5.18 -29.87 -7.37
CA GLU A 217 5.33 -29.17 -6.07
C GLU A 217 3.99 -28.51 -5.66
N ARG A 218 3.02 -28.42 -6.55
CA ARG A 218 1.67 -27.79 -6.29
C ARG A 218 1.84 -26.32 -5.97
N SER A 219 2.83 -25.65 -6.58
CA SER A 219 2.99 -24.19 -6.52
C SER A 219 1.82 -23.52 -7.24
N TRP A 220 1.48 -22.33 -6.81
CA TRP A 220 0.57 -21.49 -7.60
C TRP A 220 1.18 -21.25 -9.00
N LEU A 221 2.49 -21.06 -9.07
CA LEU A 221 3.14 -20.68 -10.34
C LEU A 221 2.75 -21.63 -11.48
N TYR A 222 2.61 -22.95 -11.23
CA TYR A 222 2.29 -23.92 -12.32
C TYR A 222 0.85 -24.42 -12.23
N LEU A 223 0.06 -23.88 -11.31
CA LEU A 223 -1.42 -24.07 -11.19
C LEU A 223 -1.78 -25.56 -11.10
N LYS A 224 -0.92 -26.38 -10.52
CA LYS A 224 -1.11 -27.85 -10.42
C LYS A 224 -1.46 -28.43 -11.81
N GLY A 225 -0.89 -27.87 -12.88
CA GLY A 225 -1.14 -28.38 -14.25
C GLY A 225 -2.39 -27.82 -14.89
N SER A 226 -3.18 -27.00 -14.19
CA SER A 226 -4.44 -26.44 -14.71
C SER A 226 -4.13 -25.07 -15.34
N TYR A 227 -3.04 -25.00 -16.09
CA TYR A 227 -2.61 -23.77 -16.78
C TYR A 227 -3.24 -23.72 -18.18
N MET A 228 -3.14 -22.56 -18.81
CA MET A 228 -3.72 -22.32 -20.14
C MET A 228 -2.81 -22.89 -21.22
N ARG A 229 -3.35 -23.74 -22.09
CA ARG A 229 -2.65 -24.29 -23.27
C ARG A 229 -3.30 -23.61 -24.46
N CYS A 230 -2.68 -22.57 -25.01
CA CYS A 230 -3.31 -21.73 -26.04
C CYS A 230 -3.41 -22.47 -27.38
N ASP A 231 -4.48 -22.21 -28.13
CA ASP A 231 -4.48 -22.35 -29.61
C ASP A 231 -4.11 -21.01 -30.23
N ARG A 232 -4.05 -20.91 -31.56
CA ARG A 232 -3.60 -19.65 -32.23
C ARG A 232 -4.55 -18.50 -31.87
N LYS A 233 -5.85 -18.74 -31.74
CA LYS A 233 -6.83 -17.68 -31.42
C LYS A 233 -6.60 -17.15 -30.00
N MET A 234 -6.26 -18.03 -29.08
CA MET A 234 -5.98 -17.63 -27.69
C MET A 234 -4.66 -16.86 -27.64
N GLU A 235 -3.70 -17.17 -28.54
CA GLU A 235 -2.42 -16.44 -28.59
C GLU A 235 -2.69 -15.01 -29.08
N VAL A 236 -3.66 -14.86 -29.97
CA VAL A 236 -4.13 -13.50 -30.32
C VAL A 236 -4.75 -12.83 -29.11
N ALA A 237 -5.62 -13.51 -28.36
CA ALA A 237 -6.22 -12.95 -27.12
C ALA A 237 -5.10 -12.52 -26.17
N PHE A 238 -4.00 -13.28 -26.10
CA PHE A 238 -2.89 -13.00 -25.17
C PHE A 238 -2.27 -11.65 -25.56
N MET A 239 -1.96 -11.47 -26.84
CA MET A 239 -1.26 -10.23 -27.28
C MET A 239 -2.18 -9.03 -27.05
N VAL A 240 -3.49 -9.22 -27.12
CA VAL A 240 -4.45 -8.14 -26.85
C VAL A 240 -4.41 -7.82 -25.34
N CYS A 241 -4.46 -8.83 -24.45
CA CYS A 241 -4.32 -8.58 -23.00
C CYS A 241 -2.97 -7.92 -22.74
N ALA A 242 -1.95 -8.23 -23.54
CA ALA A 242 -0.59 -7.73 -23.32
C ALA A 242 -0.48 -6.25 -23.67
N ILE A 243 -1.44 -5.70 -24.40
CA ILE A 243 -1.43 -4.25 -24.70
C ILE A 243 -1.25 -3.52 -23.37
N ASN A 244 -0.35 -2.56 -23.33
CA ASN A 244 -0.06 -1.77 -22.11
C ASN A 244 -0.36 -0.30 -22.38
N PRO A 245 -1.52 0.21 -21.96
CA PRO A 245 -1.88 1.62 -22.20
C PRO A 245 -1.10 2.66 -21.38
N SER A 246 -0.28 2.23 -20.43
CA SER A 246 0.43 3.15 -19.51
C SER A 246 1.41 4.05 -20.30
N ILE A 247 1.22 5.36 -20.16
CA ILE A 247 2.15 6.37 -20.72
C ILE A 247 3.23 6.62 -19.67
N ASP A 248 2.86 6.56 -18.39
CA ASP A 248 3.71 6.79 -17.20
C ASP A 248 2.87 6.36 -15.98
N LEU A 249 3.39 6.45 -14.75
CA LEU A 249 2.76 5.84 -13.56
C LEU A 249 1.28 6.26 -13.42
N HIS A 250 0.92 7.50 -13.73
CA HIS A 250 -0.39 8.10 -13.35
C HIS A 250 -1.20 8.54 -14.58
N THR A 251 -0.89 8.06 -15.80
CA THR A 251 -1.71 8.40 -17.00
C THR A 251 -1.66 7.28 -18.05
N ASP A 252 -2.85 6.95 -18.58
CA ASP A 252 -3.09 5.91 -19.60
C ASP A 252 -3.51 6.56 -20.93
N SER A 253 -3.04 5.98 -22.04
CA SER A 253 -3.55 6.25 -23.41
C SER A 253 -5.01 5.77 -23.48
N LEU A 254 -5.96 6.70 -23.61
CA LEU A 254 -7.38 6.36 -23.90
C LEU A 254 -7.45 5.53 -25.17
N GLU A 255 -6.63 5.86 -26.17
CA GLU A 255 -6.63 5.20 -27.49
C GLU A 255 -6.34 3.70 -27.28
N LEU A 256 -5.30 3.39 -26.52
CA LEU A 256 -4.88 1.97 -26.29
C LEU A 256 -5.90 1.25 -25.41
N LEU A 257 -6.52 1.94 -24.46
CA LEU A 257 -7.63 1.34 -23.68
C LEU A 257 -8.79 1.01 -24.62
N GLN A 258 -9.15 1.92 -25.52
CA GLN A 258 -10.28 1.68 -26.46
C GLN A 258 -9.90 0.53 -27.40
N LEU A 259 -8.67 0.55 -27.93
CA LEU A 259 -8.20 -0.53 -28.83
C LEU A 259 -8.30 -1.89 -28.11
N GLN A 260 -7.78 -1.99 -26.89
CA GLN A 260 -7.80 -3.27 -26.12
C GLN A 260 -9.25 -3.69 -25.88
N GLN A 261 -10.09 -2.74 -25.49
CA GLN A 261 -11.52 -2.98 -25.22
C GLN A 261 -12.20 -3.51 -26.48
N LYS A 262 -12.02 -2.85 -27.62
CA LYS A 262 -12.72 -3.26 -28.86
C LYS A 262 -12.18 -4.59 -29.34
N LEU A 263 -10.86 -4.84 -29.20
CA LEU A 263 -10.31 -6.14 -29.62
C LEU A 263 -10.81 -7.25 -28.68
N LEU A 264 -10.95 -6.98 -27.38
CA LEU A 264 -11.44 -8.04 -26.46
C LEU A 264 -12.92 -8.36 -26.83
N TRP A 265 -13.73 -7.36 -27.21
CA TRP A 265 -15.14 -7.61 -27.62
C TRP A 265 -15.19 -8.43 -28.92
N LEU A 266 -14.26 -8.19 -29.85
CA LEU A 266 -14.13 -8.98 -31.09
C LEU A 266 -13.86 -10.43 -30.71
N LEU A 267 -12.84 -10.64 -29.87
CA LEU A 267 -12.47 -11.99 -29.40
C LEU A 267 -13.65 -12.63 -28.67
N TYR A 268 -14.33 -11.88 -27.82
CA TYR A 268 -15.48 -12.37 -27.03
C TYR A 268 -16.53 -12.92 -28.01
N ASP A 269 -16.90 -12.10 -29.00
CA ASP A 269 -17.97 -12.45 -29.99
C ASP A 269 -17.60 -13.70 -30.76
N LEU A 270 -16.32 -13.92 -31.05
CA LEU A 270 -15.86 -15.05 -31.86
C LEU A 270 -15.64 -16.28 -30.99
N GLY A 271 -15.83 -16.20 -29.67
CA GLY A 271 -15.73 -17.36 -28.77
C GLY A 271 -14.32 -17.54 -28.23
N HIS A 272 -13.39 -16.62 -28.49
CA HIS A 272 -11.95 -16.82 -28.21
C HIS A 272 -11.58 -16.48 -26.76
N LEU A 273 -12.49 -15.97 -25.93
CA LEU A 273 -12.26 -15.72 -24.50
C LEU A 273 -12.95 -16.80 -23.67
N GLU A 274 -13.60 -17.78 -24.28
CA GLU A 274 -14.30 -18.90 -23.58
C GLU A 274 -13.40 -19.56 -22.52
N ARG A 275 -12.13 -19.78 -22.85
CA ARG A 275 -11.17 -20.52 -21.98
C ARG A 275 -10.14 -19.53 -21.45
N TYR A 276 -10.51 -18.26 -21.30
CA TYR A 276 -9.53 -17.19 -20.96
C TYR A 276 -10.07 -16.32 -19.82
N PRO A 277 -10.10 -16.85 -18.57
CA PRO A 277 -10.65 -16.11 -17.43
C PRO A 277 -10.10 -14.69 -17.24
N MET A 278 -8.78 -14.52 -17.31
CA MET A 278 -8.16 -13.22 -17.05
C MET A 278 -8.55 -12.22 -18.16
N ALA A 279 -8.76 -12.68 -19.39
CA ALA A 279 -9.19 -11.76 -20.47
C ALA A 279 -10.59 -11.24 -20.17
N LEU A 280 -11.45 -12.11 -19.62
CA LEU A 280 -12.83 -11.71 -19.25
C LEU A 280 -12.79 -10.72 -18.08
N GLY A 281 -11.88 -10.91 -17.13
CA GLY A 281 -11.70 -9.94 -16.04
C GLY A 281 -11.18 -8.60 -16.54
N ASN A 282 -10.26 -8.64 -17.49
CA ASN A 282 -9.69 -7.43 -18.12
C ASN A 282 -10.84 -6.68 -18.83
N LEU A 283 -11.69 -7.40 -19.54
CA LEU A 283 -12.81 -6.79 -20.29
C LEU A 283 -13.83 -6.18 -19.31
N ALA A 284 -14.12 -6.88 -18.19
CA ALA A 284 -15.02 -6.37 -17.13
C ALA A 284 -14.48 -5.04 -16.58
N ASP A 285 -13.18 -4.99 -16.28
CA ASP A 285 -12.52 -3.78 -15.76
C ASP A 285 -12.65 -2.61 -16.76
N LEU A 286 -12.46 -2.88 -18.05
CA LEU A 286 -12.55 -1.83 -19.10
C LEU A 286 -14.00 -1.33 -19.20
N GLU A 287 -14.99 -2.23 -19.12
CA GLU A 287 -16.43 -1.92 -19.17
C GLU A 287 -16.83 -1.09 -17.94
N GLU A 288 -16.23 -1.34 -16.80
CA GLU A 288 -16.46 -0.51 -15.59
C GLU A 288 -15.95 0.91 -15.87
N LEU A 289 -14.77 1.05 -16.44
CA LEU A 289 -14.17 2.37 -16.78
C LEU A 289 -15.08 3.10 -17.76
N GLU A 290 -15.50 2.42 -18.82
CA GLU A 290 -16.16 3.01 -20.00
C GLU A 290 -17.14 1.99 -20.56
N PRO A 291 -18.40 1.95 -20.07
CA PRO A 291 -19.36 0.94 -20.53
C PRO A 291 -19.69 1.08 -22.01
N THR A 292 -19.78 -0.06 -22.68
CA THR A 292 -20.14 -0.19 -24.11
C THR A 292 -21.65 -0.38 -24.19
N PRO A 293 -22.41 0.57 -24.79
CA PRO A 293 -23.86 0.41 -24.93
C PRO A 293 -24.23 -0.96 -25.52
N GLY A 294 -25.17 -1.65 -24.90
CA GLY A 294 -25.71 -2.93 -25.40
C GLY A 294 -24.91 -4.14 -24.93
N ARG A 295 -23.84 -3.96 -24.14
CA ARG A 295 -23.00 -5.10 -23.70
C ARG A 295 -23.35 -5.55 -22.28
N PRO A 296 -23.00 -6.81 -21.91
CA PRO A 296 -23.14 -7.26 -20.52
C PRO A 296 -22.39 -6.32 -19.56
N ASP A 297 -22.88 -6.20 -18.34
CA ASP A 297 -22.29 -5.34 -17.32
C ASP A 297 -21.06 -6.05 -16.74
N PRO A 298 -20.19 -5.31 -16.02
CA PRO A 298 -18.97 -5.89 -15.45
C PRO A 298 -19.23 -7.15 -14.64
N LEU A 299 -20.23 -7.11 -13.76
CA LEU A 299 -20.53 -8.28 -12.89
C LEU A 299 -20.78 -9.52 -13.73
N THR A 300 -21.56 -9.40 -14.82
CA THR A 300 -21.81 -10.53 -15.72
C THR A 300 -20.47 -11.06 -16.25
N LEU A 301 -19.57 -10.16 -16.63
CA LEU A 301 -18.26 -10.58 -17.17
C LEU A 301 -17.37 -11.23 -16.08
N TYR A 302 -17.36 -10.69 -14.87
CA TYR A 302 -16.52 -11.29 -13.80
C TYR A 302 -17.01 -12.72 -13.53
N HIS A 303 -18.33 -12.88 -13.46
CA HIS A 303 -18.96 -14.20 -13.21
C HIS A 303 -18.68 -15.15 -14.39
N LYS A 304 -18.62 -14.65 -15.63
CA LYS A 304 -18.20 -15.47 -16.80
C LYS A 304 -16.75 -15.92 -16.62
N GLY A 305 -15.87 -15.05 -16.13
CA GLY A 305 -14.45 -15.43 -15.87
C GLY A 305 -14.34 -16.58 -14.89
N ILE A 306 -15.11 -16.50 -13.80
CA ILE A 306 -15.12 -17.57 -12.75
C ILE A 306 -15.68 -18.85 -13.37
N ALA A 307 -16.78 -18.76 -14.12
CA ALA A 307 -17.39 -19.92 -14.82
C ALA A 307 -16.35 -20.58 -15.74
N SER A 308 -15.57 -19.77 -16.45
CA SER A 308 -14.50 -20.26 -17.37
C SER A 308 -13.48 -21.05 -16.54
N ALA A 309 -13.06 -20.51 -15.40
CA ALA A 309 -12.05 -21.15 -14.53
C ALA A 309 -12.63 -22.46 -13.97
N LYS A 310 -13.89 -22.45 -13.58
CA LYS A 310 -14.55 -23.69 -13.04
C LYS A 310 -14.62 -24.76 -14.13
N THR A 311 -14.98 -24.36 -15.34
CA THR A 311 -15.27 -25.28 -16.48
C THR A 311 -13.99 -25.89 -17.01
N TYR A 312 -12.96 -25.07 -17.24
CA TYR A 312 -11.77 -25.47 -18.04
C TYR A 312 -10.53 -25.68 -17.18
N TYR A 313 -10.49 -25.13 -15.96
CA TYR A 313 -9.25 -25.13 -15.15
C TYR A 313 -9.52 -25.62 -13.73
N ARG A 314 -10.53 -26.45 -13.54
CA ARG A 314 -10.78 -27.16 -12.26
C ARG A 314 -10.97 -26.21 -11.10
N ASP A 315 -11.36 -24.96 -11.35
CA ASP A 315 -11.53 -23.93 -10.32
C ASP A 315 -10.21 -23.77 -9.55
N GLU A 316 -9.07 -23.86 -10.22
CA GLU A 316 -7.71 -23.78 -9.61
C GLU A 316 -7.04 -22.45 -9.93
N HIS A 317 -7.78 -21.48 -10.46
CA HIS A 317 -7.26 -20.12 -10.71
C HIS A 317 -7.65 -19.15 -9.60
N ILE A 318 -6.74 -18.22 -9.26
CA ILE A 318 -6.96 -17.22 -8.19
C ILE A 318 -7.54 -15.93 -8.77
N TYR A 319 -7.04 -15.46 -9.88
CA TYR A 319 -7.37 -14.09 -10.33
C TYR A 319 -8.85 -13.91 -10.64
N PRO A 320 -9.62 -14.92 -11.08
CA PRO A 320 -11.05 -14.69 -11.35
C PRO A 320 -11.76 -14.11 -10.11
N TYR A 321 -11.43 -14.64 -8.95
CA TYR A 321 -12.04 -14.18 -7.68
C TYR A 321 -11.45 -12.83 -7.28
N ILE A 322 -10.18 -12.59 -7.54
CA ILE A 322 -9.53 -11.28 -7.22
C ILE A 322 -10.17 -10.18 -8.07
N TYR A 323 -10.41 -10.43 -9.34
CA TYR A 323 -11.09 -9.46 -10.22
C TYR A 323 -12.46 -9.09 -9.63
N LEU A 324 -13.25 -10.09 -9.27
CA LEU A 324 -14.60 -9.84 -8.71
C LEU A 324 -14.50 -9.09 -7.38
N ALA A 325 -13.64 -9.55 -6.47
CA ALA A 325 -13.45 -8.92 -5.16
C ALA A 325 -13.06 -7.46 -5.38
N GLY A 326 -12.14 -7.18 -6.31
CA GLY A 326 -11.68 -5.81 -6.59
C GLY A 326 -12.85 -4.93 -7.00
N TYR A 327 -13.73 -5.42 -7.87
CA TYR A 327 -14.88 -4.62 -8.35
C TYR A 327 -15.75 -4.26 -7.15
N HIS A 328 -16.08 -5.26 -6.31
CA HIS A 328 -16.96 -5.06 -5.15
C HIS A 328 -16.30 -4.10 -4.14
N CYS A 329 -14.98 -4.16 -4.02
N CYS A 329 -14.98 -4.16 -4.00
CA CYS A 329 -14.23 -3.25 -3.12
CA CYS A 329 -14.21 -3.23 -3.13
C CYS A 329 -14.40 -1.81 -3.62
C CYS A 329 -14.40 -1.81 -3.63
N ARG A 330 -14.14 -1.59 -4.92
CA ARG A 330 -14.21 -0.23 -5.53
C ARG A 330 -15.63 0.33 -5.39
N ASN A 331 -16.64 -0.53 -5.44
CA ASN A 331 -18.07 -0.15 -5.42
C ASN A 331 -18.64 -0.22 -3.99
N ARG A 332 -17.79 -0.39 -2.97
CA ARG A 332 -18.16 -0.44 -1.52
C ARG A 332 -19.25 -1.48 -1.29
N ASN A 333 -19.20 -2.62 -1.96
CA ASN A 333 -20.11 -3.75 -1.67
C ASN A 333 -19.39 -4.68 -0.67
N VAL A 334 -19.49 -4.36 0.62
CA VAL A 334 -18.59 -4.99 1.62
C VAL A 334 -18.83 -6.51 1.67
N ARG A 335 -20.07 -6.94 1.80
CA ARG A 335 -20.43 -8.37 1.88
C ARG A 335 -19.89 -9.13 0.66
N GLU A 336 -20.14 -8.63 -0.54
CA GLU A 336 -19.77 -9.35 -1.77
C GLU A 336 -18.23 -9.39 -1.93
N ALA A 337 -17.55 -8.34 -1.52
CA ALA A 337 -16.07 -8.27 -1.57
C ALA A 337 -15.50 -9.32 -0.63
N LEU A 338 -16.02 -9.40 0.59
CA LEU A 338 -15.51 -10.41 1.55
C LEU A 338 -15.81 -11.81 1.07
N GLN A 339 -16.98 -12.05 0.47
CA GLN A 339 -17.31 -13.40 -0.05
C GLN A 339 -16.32 -13.78 -1.15
N ALA A 340 -15.99 -12.82 -2.02
CA ALA A 340 -15.03 -13.07 -3.11
C ALA A 340 -13.62 -13.30 -2.57
N TRP A 341 -13.18 -12.59 -1.54
N TRP A 341 -13.17 -12.57 -1.55
CA TRP A 341 -11.86 -12.85 -0.92
CA TRP A 341 -11.85 -12.80 -0.93
C TRP A 341 -11.87 -14.19 -0.22
C TRP A 341 -11.87 -14.17 -0.22
N ALA A 342 -12.97 -14.53 0.43
CA ALA A 342 -13.15 -15.89 1.02
C ALA A 342 -12.98 -16.96 -0.09
N ASP A 343 -13.59 -16.75 -1.23
CA ASP A 343 -13.53 -17.70 -2.38
C ASP A 343 -12.09 -17.80 -2.90
N THR A 344 -11.36 -16.68 -2.91
N THR A 344 -11.34 -16.67 -2.92
CA THR A 344 -9.95 -16.65 -3.37
CA THR A 344 -9.92 -16.64 -3.36
C THR A 344 -9.13 -17.53 -2.43
C THR A 344 -9.13 -17.54 -2.43
N ALA A 345 -9.32 -17.39 -1.11
CA ALA A 345 -8.59 -18.19 -0.10
C ALA A 345 -9.01 -19.65 -0.21
N THR A 346 -10.23 -19.93 -0.60
CA THR A 346 -10.71 -21.34 -0.75
C THR A 346 -9.98 -21.98 -1.95
N VAL A 347 -9.53 -21.23 -2.95
CA VAL A 347 -8.73 -21.82 -4.05
C VAL A 347 -7.30 -22.02 -3.56
N ILE A 348 -6.70 -21.01 -2.93
CA ILE A 348 -5.27 -21.11 -2.56
C ILE A 348 -5.02 -22.20 -1.54
N GLN A 349 -6.01 -22.53 -0.69
CA GLN A 349 -5.77 -23.48 0.40
C GLN A 349 -5.32 -24.86 -0.11
N ASP A 350 -5.63 -25.22 -1.35
CA ASP A 350 -5.27 -26.54 -1.94
C ASP A 350 -3.96 -26.43 -2.75
N TYR A 351 -3.20 -25.36 -2.53
CA TYR A 351 -1.84 -25.14 -3.07
C TYR A 351 -0.83 -25.25 -1.94
N ASN A 352 0.42 -25.42 -2.30
CA ASN A 352 1.59 -25.23 -1.41
C ASN A 352 2.27 -23.93 -1.78
N TYR A 353 2.59 -23.10 -0.80
CA TYR A 353 3.27 -21.80 -1.04
C TYR A 353 4.75 -22.06 -1.34
N CYS A 354 5.20 -21.80 -2.56
CA CYS A 354 6.56 -22.17 -3.01
C CYS A 354 7.37 -20.90 -3.29
N ARG A 355 8.67 -21.04 -3.54
CA ARG A 355 9.63 -19.92 -3.44
C ARG A 355 9.48 -18.95 -4.62
N GLU A 356 8.71 -19.26 -5.67
CA GLU A 356 8.49 -18.32 -6.80
C GLU A 356 7.04 -17.86 -6.88
N ASP A 357 6.28 -17.99 -5.78
CA ASP A 357 4.85 -17.63 -5.68
C ASP A 357 4.70 -16.24 -5.08
N GLU A 358 5.77 -15.45 -5.08
CA GLU A 358 5.78 -14.12 -4.39
C GLU A 358 4.59 -13.26 -4.84
N GLU A 359 4.24 -13.25 -6.14
CA GLU A 359 3.23 -12.30 -6.60
C GLU A 359 1.88 -12.59 -5.89
N ILE A 360 1.52 -13.85 -5.71
CA ILE A 360 0.18 -14.11 -5.12
C ILE A 360 0.27 -13.95 -3.60
N TYR A 361 1.42 -14.19 -3.00
CA TYR A 361 1.65 -13.86 -1.57
C TYR A 361 1.40 -12.37 -1.35
N LYS A 362 1.97 -11.54 -2.23
CA LYS A 362 1.79 -10.07 -2.15
C LYS A 362 0.29 -9.72 -2.20
N GLU A 363 -0.48 -10.34 -3.10
CA GLU A 363 -1.94 -10.08 -3.20
C GLU A 363 -2.62 -10.48 -1.86
N PHE A 364 -2.39 -11.68 -1.34
CA PHE A 364 -3.06 -12.09 -0.07
C PHE A 364 -2.65 -11.17 1.07
N PHE A 365 -1.38 -10.85 1.14
CA PHE A 365 -0.83 -9.98 2.21
C PHE A 365 -1.53 -8.63 2.15
N GLU A 366 -1.65 -8.06 0.97
CA GLU A 366 -2.29 -6.73 0.78
C GLU A 366 -3.77 -6.83 1.12
N VAL A 367 -4.45 -7.92 0.74
CA VAL A 367 -5.89 -8.04 1.09
C VAL A 367 -6.03 -8.13 2.62
N ALA A 368 -5.29 -9.00 3.28
CA ALA A 368 -5.37 -9.21 4.76
C ALA A 368 -5.01 -7.93 5.50
N ASN A 369 -3.97 -7.22 5.04
CA ASN A 369 -3.28 -6.22 5.89
C ASN A 369 -3.50 -4.79 5.38
N ASP A 370 -4.35 -4.62 4.37
CA ASP A 370 -4.65 -3.27 3.83
C ASP A 370 -6.10 -3.21 3.33
N VAL A 371 -6.45 -3.98 2.32
CA VAL A 371 -7.76 -3.86 1.65
C VAL A 371 -8.91 -4.20 2.62
N ILE A 372 -8.90 -5.37 3.22
CA ILE A 372 -9.97 -5.74 4.20
C ILE A 372 -9.99 -4.74 5.34
N PRO A 373 -8.86 -4.42 6.02
CA PRO A 373 -8.88 -3.36 7.05
C PRO A 373 -9.53 -2.05 6.60
N ASN A 374 -9.22 -1.57 5.40
CA ASN A 374 -9.80 -0.30 4.89
C ASN A 374 -11.31 -0.46 4.63
N LEU A 375 -11.72 -1.58 4.07
CA LEU A 375 -13.15 -1.86 3.79
C LEU A 375 -13.97 -1.91 5.09
N LEU A 376 -13.47 -2.61 6.12
CA LEU A 376 -14.15 -2.71 7.43
C LEU A 376 -14.13 -1.35 8.14
N LYS A 377 -13.06 -0.58 7.99
CA LYS A 377 -12.97 0.79 8.56
C LYS A 377 -14.06 1.66 7.93
N GLU A 378 -14.19 1.63 6.61
CA GLU A 378 -15.22 2.43 5.90
C GLU A 378 -16.61 2.00 6.41
N ALA A 379 -16.83 0.71 6.56
CA ALA A 379 -18.10 0.18 7.13
C ALA A 379 -18.30 0.73 8.55
N ALA A 380 -17.25 0.73 9.38
CA ALA A 380 -17.35 1.23 10.77
C ALA A 380 -17.75 2.72 10.71
N SER A 381 -17.24 3.50 9.76
CA SER A 381 -17.58 4.96 9.65
C SER A 381 -19.05 5.11 9.28
N LEU A 382 -19.53 4.32 8.31
CA LEU A 382 -20.97 4.31 7.91
C LEU A 382 -21.84 3.99 9.12
N LEU A 383 -21.49 2.94 9.89
CA LEU A 383 -22.27 2.46 11.05
C LEU A 383 -22.37 3.59 12.10
N GLU A 384 -21.25 4.25 12.36
CA GLU A 384 -21.14 5.39 13.32
C GLU A 384 -22.12 6.48 12.90
N ALA A 385 -22.19 6.81 11.62
CA ALA A 385 -23.02 7.93 11.11
C ALA A 385 -24.51 7.61 11.30
N GLY A 386 -24.95 6.35 11.28
CA GLY A 386 -26.35 6.01 11.61
C GLY A 386 -26.57 5.59 13.05
N GLU A 387 -25.92 6.21 14.04
CA GLU A 387 -25.90 5.77 15.47
C GLU A 387 -27.23 6.07 16.17
N GLY A 401 -28.91 -3.22 7.02
CA GLY A 401 -28.00 -3.13 8.17
C GLY A 401 -26.54 -3.12 7.74
N SER A 402 -25.66 -2.70 8.64
CA SER A 402 -24.20 -2.63 8.38
C SER A 402 -23.68 -4.05 8.12
N ALA A 403 -22.72 -4.18 7.21
CA ALA A 403 -21.93 -5.42 7.04
C ALA A 403 -21.35 -5.86 8.38
N LEU A 404 -21.04 -4.91 9.28
CA LEU A 404 -20.39 -5.24 10.57
C LEU A 404 -21.39 -5.91 11.52
N GLN A 405 -22.68 -5.86 11.19
CA GLN A 405 -23.77 -6.49 11.98
C GLN A 405 -24.18 -7.80 11.32
N ASP A 406 -23.44 -8.24 10.30
CA ASP A 406 -23.84 -9.42 9.48
C ASP A 406 -22.87 -10.57 9.79
N PRO A 407 -23.35 -11.64 10.45
CA PRO A 407 -22.52 -12.79 10.77
C PRO A 407 -21.87 -13.41 9.53
N GLU A 408 -22.54 -13.35 8.39
CA GLU A 408 -22.00 -13.96 7.14
C GLU A 408 -20.74 -13.21 6.73
N CYS A 409 -20.69 -11.88 6.94
N CYS A 409 -20.72 -11.89 6.94
CA CYS A 409 -19.46 -11.09 6.70
CA CYS A 409 -19.52 -11.06 6.68
C CYS A 409 -18.32 -11.56 7.58
C CYS A 409 -18.36 -11.53 7.58
N PHE A 410 -18.62 -11.78 8.86
CA PHE A 410 -17.63 -12.33 9.80
C PHE A 410 -17.20 -13.71 9.33
N ALA A 411 -18.11 -14.57 8.90
CA ALA A 411 -17.79 -15.95 8.45
C ALA A 411 -16.88 -15.87 7.21
N HIS A 412 -17.12 -14.93 6.30
CA HIS A 412 -16.25 -14.75 5.11
C HIS A 412 -14.85 -14.34 5.55
N LEU A 413 -14.74 -13.42 6.52
CA LEU A 413 -13.40 -13.03 7.07
C LEU A 413 -12.71 -14.28 7.61
N LEU A 414 -13.39 -15.12 8.38
CA LEU A 414 -12.77 -16.32 8.98
C LEU A 414 -12.39 -17.31 7.87
N ARG A 415 -13.22 -17.47 6.85
CA ARG A 415 -12.95 -18.43 5.77
C ARG A 415 -11.71 -17.97 5.01
N PHE A 416 -11.57 -16.66 4.81
CA PHE A 416 -10.37 -16.05 4.18
C PHE A 416 -9.12 -16.46 4.96
N TYR A 417 -9.11 -16.22 6.27
CA TYR A 417 -7.94 -16.59 7.11
C TYR A 417 -7.76 -18.11 7.13
N ASP A 418 -8.83 -18.87 7.23
CA ASP A 418 -8.76 -20.34 7.24
C ASP A 418 -8.06 -20.85 5.97
N GLY A 419 -8.37 -20.28 4.79
CA GLY A 419 -7.74 -20.72 3.54
C GLY A 419 -6.26 -20.39 3.54
N ILE A 420 -5.88 -19.21 4.04
N ILE A 420 -5.89 -19.22 4.05
CA ILE A 420 -4.46 -18.80 4.17
CA ILE A 420 -4.44 -18.85 4.10
C ILE A 420 -3.72 -19.81 5.06
C ILE A 420 -3.71 -19.80 5.06
N CYS A 421 -4.30 -20.14 6.22
CA CYS A 421 -3.67 -21.09 7.17
C CYS A 421 -3.51 -22.46 6.51
N LYS A 422 -4.51 -22.92 5.74
CA LYS A 422 -4.46 -24.24 5.07
C LYS A 422 -3.42 -24.20 3.92
N TRP A 423 -3.33 -23.10 3.19
CA TRP A 423 -2.25 -22.86 2.19
C TRP A 423 -0.89 -23.09 2.82
N GLU A 424 -0.68 -22.54 4.01
CA GLU A 424 0.61 -22.63 4.72
C GLU A 424 0.93 -24.09 5.02
N GLU A 425 -0.07 -24.89 5.39
CA GLU A 425 0.17 -26.28 5.86
C GLU A 425 0.93 -27.05 4.77
N GLY A 426 2.06 -27.66 5.14
CA GLY A 426 2.83 -28.53 4.21
C GLY A 426 3.59 -27.72 3.19
N SER A 427 3.63 -26.39 3.31
CA SER A 427 4.34 -25.52 2.35
C SER A 427 5.81 -25.44 2.75
N PRO A 428 6.74 -25.37 1.77
CA PRO A 428 8.15 -25.20 2.10
C PRO A 428 8.52 -23.76 2.51
N THR A 429 7.64 -22.78 2.26
CA THR A 429 7.83 -21.37 2.70
C THR A 429 6.69 -21.08 3.69
N PRO A 430 6.96 -20.55 4.91
CA PRO A 430 5.87 -20.13 5.81
C PRO A 430 5.12 -18.92 5.26
N VAL A 431 3.87 -18.78 5.62
CA VAL A 431 3.01 -17.70 5.07
C VAL A 431 2.76 -16.66 6.15
N LEU A 432 2.26 -17.12 7.29
CA LEU A 432 1.86 -16.23 8.39
C LEU A 432 3.08 -15.93 9.25
N HIS A 433 3.07 -14.72 9.78
CA HIS A 433 4.05 -14.29 10.80
C HIS A 433 3.41 -13.13 11.58
N VAL A 434 4.14 -12.60 12.54
CA VAL A 434 3.59 -11.62 13.52
C VAL A 434 3.06 -10.40 12.80
N GLY A 435 3.58 -10.08 11.59
CA GLY A 435 3.09 -8.91 10.83
C GLY A 435 1.63 -9.03 10.43
N TRP A 436 1.08 -10.24 10.44
CA TRP A 436 -0.32 -10.48 10.04
C TRP A 436 -1.25 -10.38 11.26
N ALA A 437 -0.71 -10.41 12.48
CA ALA A 437 -1.57 -10.67 13.66
C ALA A 437 -2.39 -9.43 14.03
N THR A 438 -1.80 -8.24 13.99
N THR A 438 -1.79 -8.24 13.98
CA THR A 438 -2.50 -7.02 14.44
CA THR A 438 -2.48 -7.02 14.44
C THR A 438 -3.72 -6.77 13.56
C THR A 438 -3.71 -6.77 13.57
N PHE A 439 -3.61 -6.93 12.24
CA PHE A 439 -4.73 -6.70 11.32
C PHE A 439 -5.82 -7.78 11.54
N LEU A 440 -5.46 -9.02 11.74
CA LEU A 440 -6.50 -10.06 12.07
C LEU A 440 -7.30 -9.62 13.31
N VAL A 441 -6.60 -9.28 14.38
CA VAL A 441 -7.24 -8.89 15.66
C VAL A 441 -8.15 -7.67 15.46
N GLN A 442 -7.67 -6.68 14.72
CA GLN A 442 -8.46 -5.46 14.45
C GLN A 442 -9.68 -5.84 13.60
N SER A 443 -9.55 -6.67 12.57
CA SER A 443 -10.70 -7.04 11.71
C SER A 443 -11.72 -7.82 12.55
N LEU A 444 -11.27 -8.77 13.37
CA LEU A 444 -12.20 -9.52 14.27
C LEU A 444 -13.02 -8.53 15.11
N GLY A 445 -12.37 -7.52 15.66
CA GLY A 445 -12.93 -6.56 16.63
C GLY A 445 -13.92 -5.63 15.96
N ARG A 446 -14.01 -5.58 14.62
CA ARG A 446 -15.02 -4.76 13.93
C ARG A 446 -16.43 -5.39 14.11
N PHE A 447 -16.50 -6.66 14.50
CA PHE A 447 -17.77 -7.40 14.69
C PHE A 447 -17.97 -7.62 16.19
N GLU A 448 -19.13 -7.20 16.70
CA GLU A 448 -19.48 -7.38 18.12
C GLU A 448 -19.52 -8.87 18.45
N GLY A 449 -19.24 -9.22 19.71
CA GLY A 449 -19.36 -10.59 20.23
C GLY A 449 -20.66 -11.25 19.86
N GLN A 450 -21.78 -10.54 19.99
CA GLN A 450 -23.14 -11.11 19.74
C GLN A 450 -23.24 -11.46 18.25
N VAL A 451 -22.57 -10.71 17.36
CA VAL A 451 -22.56 -11.03 15.90
C VAL A 451 -21.64 -12.23 15.67
N ARG A 452 -20.44 -12.22 16.23
CA ARG A 452 -19.46 -13.32 16.00
C ARG A 452 -20.04 -14.63 16.54
N GLN A 453 -20.77 -14.58 17.66
CA GLN A 453 -21.29 -15.77 18.35
C GLN A 453 -22.46 -16.39 17.59
N LYS A 454 -22.95 -15.79 16.49
CA LYS A 454 -24.07 -16.41 15.73
C LYS A 454 -23.57 -17.44 14.71
N VAL A 455 -22.31 -17.44 14.39
CA VAL A 455 -21.80 -18.32 13.30
C VAL A 455 -21.61 -19.72 13.88
N ARG A 456 -21.81 -20.71 13.03
CA ARG A 456 -21.57 -22.15 13.35
C ARG A 456 -20.81 -22.70 12.15
N ILE A 457 -19.49 -22.68 12.25
CA ILE A 457 -18.61 -23.03 11.11
C ILE A 457 -17.63 -24.10 11.64
N THR A 458 -17.10 -25.01 10.57
CA THR A 458 -15.99 -25.91 11.02
C THR A 458 -14.80 -25.53 10.15
N PHE A 459 -13.66 -25.22 10.74
CA PHE A 459 -12.47 -24.76 10.01
C PHE A 459 -11.79 -25.95 9.35
N GLN A 460 -11.07 -25.71 8.26
CA GLN A 460 -10.25 -26.74 7.58
C GLN A 460 -8.80 -26.72 8.04
N SER A 461 -8.32 -25.57 8.52
CA SER A 461 -6.92 -25.43 8.97
C SER A 461 -6.79 -25.81 10.45
N GLU A 462 -5.68 -26.47 10.78
CA GLU A 462 -5.32 -26.75 12.20
C GLU A 462 -5.20 -25.44 12.98
N LYS A 463 -4.60 -24.43 12.37
CA LYS A 463 -4.33 -23.14 13.03
C LYS A 463 -5.65 -22.51 13.47
N MET A 464 -6.65 -22.44 12.61
CA MET A 464 -7.92 -21.78 12.99
C MET A 464 -8.69 -22.68 13.96
N LYS A 465 -8.68 -24.00 13.76
CA LYS A 465 -9.35 -24.94 14.69
C LYS A 465 -8.83 -24.69 16.12
N GLY A 466 -7.54 -24.44 16.22
CA GLY A 466 -6.81 -24.26 17.51
C GLY A 466 -7.11 -22.92 18.17
N MET A 467 -7.90 -22.05 17.58
CA MET A 467 -8.37 -20.82 18.26
C MET A 467 -9.85 -20.59 18.00
N LYS A 468 -10.61 -21.63 17.67
CA LYS A 468 -12.04 -21.44 17.28
C LYS A 468 -12.79 -20.69 18.41
N GLU A 469 -12.53 -21.02 19.69
CA GLU A 469 -13.27 -20.36 20.80
C GLU A 469 -12.84 -18.88 20.90
N LEU A 470 -11.56 -18.61 20.79
CA LEU A 470 -10.98 -17.23 20.87
C LEU A 470 -11.61 -16.32 19.83
N LEU A 471 -11.92 -16.84 18.65
CA LEU A 471 -12.36 -15.96 17.53
C LEU A 471 -13.76 -15.41 17.80
N VAL A 472 -14.55 -16.08 18.62
CA VAL A 472 -15.99 -15.74 18.83
C VAL A 472 -16.23 -15.27 20.27
N ALA A 473 -15.20 -15.24 21.11
CA ALA A 473 -15.33 -14.84 22.53
C ALA A 473 -15.73 -13.36 22.57
N THR A 474 -16.55 -12.95 23.53
CA THR A 474 -16.97 -11.53 23.67
C THR A 474 -15.74 -10.64 23.75
N LYS A 475 -14.78 -10.96 24.61
CA LYS A 475 -13.53 -10.19 24.73
C LYS A 475 -12.49 -10.88 23.88
N ILE A 476 -11.96 -10.15 22.92
CA ILE A 476 -10.94 -10.69 21.98
C ILE A 476 -9.60 -10.69 22.72
N ASN A 477 -9.01 -11.86 22.85
CA ASN A 477 -7.70 -12.03 23.50
C ASN A 477 -6.63 -11.91 22.41
N SER A 478 -6.14 -10.68 22.20
N SER A 478 -6.14 -10.69 22.18
CA SER A 478 -5.22 -10.34 21.10
CA SER A 478 -5.22 -10.38 21.06
C SER A 478 -3.93 -11.17 21.24
C SER A 478 -3.93 -11.18 21.23
N SER A 479 -3.36 -11.28 22.44
CA SER A 479 -2.06 -11.98 22.57
C SER A 479 -2.23 -13.47 22.28
N ALA A 480 -3.32 -14.12 22.72
CA ALA A 480 -3.58 -15.56 22.43
C ALA A 480 -3.78 -15.80 20.91
N ILE A 481 -4.52 -14.93 20.26
CA ILE A 481 -4.75 -15.04 18.79
C ILE A 481 -3.43 -14.85 18.04
N LYS A 482 -2.60 -13.89 18.48
CA LYS A 482 -1.27 -13.69 17.86
C LYS A 482 -0.42 -14.94 18.03
N LEU A 483 -0.40 -15.57 19.21
CA LEU A 483 0.43 -16.78 19.45
C LEU A 483 -0.04 -17.88 18.52
N GLN A 484 -1.35 -18.06 18.40
CA GLN A 484 -1.89 -19.15 17.57
C GLN A 484 -1.60 -18.87 16.08
N LEU A 485 -1.84 -17.67 15.61
CA LEU A 485 -1.62 -17.31 14.18
C LEU A 485 -0.15 -17.51 13.79
N THR A 486 0.76 -17.32 14.73
CA THR A 486 2.22 -17.39 14.50
C THR A 486 2.80 -18.72 14.90
N ALA A 487 2.00 -19.67 15.36
CA ALA A 487 2.52 -21.01 15.75
C ALA A 487 3.15 -21.66 14.51
N GLN A 488 4.21 -22.45 14.69
CA GLN A 488 4.80 -23.23 13.60
C GLN A 488 3.78 -24.24 13.10
N SER A 489 3.57 -24.17 11.79
CA SER A 489 3.13 -25.18 10.81
C SER A 489 1.65 -24.99 10.52
N GLY B 2 -15.74 29.15 35.29
CA GLY B 2 -16.21 30.53 34.99
C GLY B 2 -15.21 31.26 34.11
N LEU B 3 -15.63 31.64 32.89
CA LEU B 3 -14.79 32.37 31.91
C LEU B 3 -14.64 33.82 32.38
N LYS B 4 -13.43 34.37 32.27
CA LYS B 4 -13.14 35.79 32.59
C LYS B 4 -13.71 36.67 31.47
N THR B 5 -13.88 37.96 31.75
CA THR B 5 -14.43 38.98 30.82
C THR B 5 -13.61 39.03 29.53
N ALA B 6 -12.28 39.04 29.63
CA ALA B 6 -11.38 39.15 28.45
C ALA B 6 -11.62 37.95 27.50
N GLN B 7 -12.08 36.81 28.01
CA GLN B 7 -12.33 35.60 27.18
C GLN B 7 -13.66 35.77 26.43
N LYS B 8 -14.69 36.30 27.09
CA LYS B 8 -16.07 36.47 26.53
C LYS B 8 -16.08 37.45 25.33
N THR B 9 -15.26 38.51 25.33
CA THR B 9 -15.37 39.64 24.37
C THR B 9 -14.95 39.20 22.95
N LEU B 10 -14.31 38.05 22.81
CA LEU B 10 -13.87 37.54 21.49
C LEU B 10 -14.85 36.53 20.93
N PHE B 11 -15.96 36.21 21.62
CA PHE B 11 -17.19 35.70 21.02
C PHE B 11 -18.22 36.72 20.55
N PRO B 12 -19.09 36.36 19.58
CA PRO B 12 -19.08 35.03 18.96
C PRO B 12 -17.95 34.84 17.92
N LEU B 13 -17.55 33.59 17.67
CA LEU B 13 -16.53 33.25 16.64
C LEU B 13 -17.27 33.02 15.32
N ARG B 14 -17.00 33.81 14.27
CA ARG B 14 -17.73 33.69 12.98
C ARG B 14 -16.81 33.35 11.81
N SER B 15 -15.52 33.13 12.06
CA SER B 15 -14.55 32.82 10.98
C SER B 15 -13.33 32.11 11.60
N ILE B 16 -12.55 31.50 10.71
CA ILE B 16 -11.20 30.99 11.07
C ILE B 16 -10.38 32.08 11.76
N ASP B 17 -10.34 33.33 11.24
CA ASP B 17 -9.48 34.39 11.87
C ASP B 17 -9.96 34.72 13.28
N ASP B 18 -11.27 34.63 13.55
CA ASP B 18 -11.78 34.85 14.93
C ASP B 18 -11.18 33.77 15.85
N VAL B 19 -11.13 32.53 15.38
CA VAL B 19 -10.54 31.43 16.19
C VAL B 19 -9.06 31.73 16.46
N VAL B 20 -8.33 32.13 15.42
CA VAL B 20 -6.89 32.48 15.50
C VAL B 20 -6.73 33.57 16.56
N ARG B 21 -7.59 34.60 16.51
CA ARG B 21 -7.58 35.69 17.51
C ARG B 21 -7.78 35.16 18.93
N LEU B 22 -8.70 34.21 19.14
CA LEU B 22 -8.91 33.63 20.49
C LEU B 22 -7.64 32.89 20.95
N PHE B 23 -7.03 32.10 20.08
CA PHE B 23 -5.78 31.37 20.39
C PHE B 23 -4.71 32.40 20.71
N ALA B 24 -4.60 33.46 19.89
CA ALA B 24 -3.56 34.50 20.12
C ALA B 24 -3.71 35.09 21.54
N ALA B 25 -4.92 35.42 21.95
CA ALA B 25 -5.20 36.03 23.26
C ALA B 25 -4.86 35.04 24.37
N GLU B 26 -5.29 33.78 24.25
CA GLU B 26 -5.01 32.77 25.30
C GLU B 26 -3.52 32.51 25.40
N LEU B 27 -2.81 32.46 24.28
CA LEU B 27 -1.35 32.16 24.25
C LEU B 27 -0.54 33.32 24.83
N GLY B 28 -1.11 34.53 24.92
CA GLY B 28 -0.52 35.67 25.63
C GLY B 28 -0.66 35.59 27.14
N ARG B 29 -1.29 34.55 27.70
CA ARG B 29 -1.44 34.32 29.15
C ARG B 29 -0.44 33.27 29.63
N GLU B 30 -0.14 33.24 30.93
CA GLU B 30 0.75 32.21 31.53
C GLU B 30 0.01 30.88 31.57
N GLU B 31 -1.33 30.90 31.69
CA GLU B 31 -2.13 29.65 31.63
C GLU B 31 -3.14 29.77 30.50
N PRO B 32 -2.77 29.52 29.22
CA PRO B 32 -3.78 29.43 28.18
C PRO B 32 -4.81 28.40 28.64
N ASP B 33 -6.08 28.65 28.36
CA ASP B 33 -7.17 27.81 28.90
C ASP B 33 -7.36 26.62 27.94
N LEU B 34 -6.81 25.46 28.32
CA LEU B 34 -6.85 24.23 27.49
C LEU B 34 -8.28 23.78 27.24
N VAL B 35 -9.14 23.87 28.26
CA VAL B 35 -10.55 23.40 28.15
C VAL B 35 -11.28 24.29 27.13
N LEU B 36 -11.15 25.61 27.24
CA LEU B 36 -11.85 26.56 26.33
C LEU B 36 -11.39 26.30 24.89
N LEU B 37 -10.10 26.21 24.68
CA LEU B 37 -9.53 26.15 23.31
C LEU B 37 -9.92 24.79 22.68
N SER B 38 -9.85 23.70 23.45
CA SER B 38 -10.18 22.34 22.93
C SER B 38 -11.68 22.27 22.65
N LEU B 39 -12.51 22.86 23.50
CA LEU B 39 -13.98 22.91 23.25
C LEU B 39 -14.23 23.63 21.93
N VAL B 40 -13.56 24.77 21.70
CA VAL B 40 -13.77 25.55 20.46
C VAL B 40 -13.35 24.74 19.25
N LEU B 41 -12.15 24.13 19.29
CA LEU B 41 -11.69 23.35 18.12
C LEU B 41 -12.65 22.20 17.88
N GLY B 42 -13.12 21.52 18.92
CA GLY B 42 -13.98 20.35 18.72
C GLY B 42 -15.35 20.75 18.17
N PHE B 43 -15.87 21.86 18.64
CA PHE B 43 -17.15 22.43 18.13
C PHE B 43 -16.99 22.68 16.63
N VAL B 44 -15.94 23.39 16.22
CA VAL B 44 -15.72 23.75 14.81
C VAL B 44 -15.53 22.50 13.96
N GLU B 45 -14.71 21.55 14.44
CA GLU B 45 -14.47 20.28 13.71
C GLU B 45 -15.77 19.48 13.64
N HIS B 46 -16.59 19.50 14.68
CA HIS B 46 -17.84 18.74 14.66
C HIS B 46 -18.69 19.22 13.47
N PHE B 47 -18.86 20.52 13.30
CA PHE B 47 -19.79 21.07 12.27
C PHE B 47 -19.11 21.21 10.90
N LEU B 48 -17.78 21.14 10.80
CA LEU B 48 -17.10 21.17 9.49
C LEU B 48 -16.72 19.76 9.02
N ALA B 49 -16.70 18.76 9.88
CA ALA B 49 -16.24 17.41 9.46
C ALA B 49 -17.22 16.31 9.90
N VAL B 50 -17.66 16.29 11.17
CA VAL B 50 -18.51 15.19 11.71
C VAL B 50 -19.89 15.29 11.05
N ASN B 51 -20.51 16.46 11.13
CA ASN B 51 -21.92 16.73 10.75
C ASN B 51 -21.92 17.48 9.41
N ARG B 52 -21.00 17.13 8.49
CA ARG B 52 -20.92 17.70 7.13
C ARG B 52 -22.12 17.23 6.31
N SER B 66 -27.09 32.88 -16.71
CA SER B 66 -25.62 32.83 -16.97
C SER B 66 -24.82 32.63 -15.67
N PRO B 67 -25.21 33.12 -14.45
CA PRO B 67 -24.48 32.78 -13.23
C PRO B 67 -24.65 31.29 -12.87
N ALA B 68 -23.59 30.61 -12.43
CA ALA B 68 -23.64 29.18 -12.06
C ALA B 68 -24.74 29.00 -11.01
N PRO B 69 -25.49 27.87 -11.03
CA PRO B 69 -26.54 27.61 -10.02
C PRO B 69 -25.94 27.39 -8.62
N ASP B 70 -24.69 26.93 -8.55
CA ASP B 70 -23.89 26.86 -7.30
C ASP B 70 -22.59 27.62 -7.53
N PRO B 71 -21.99 28.20 -6.46
CA PRO B 71 -20.73 28.92 -6.60
C PRO B 71 -19.73 28.10 -7.39
N PRO B 72 -19.20 28.60 -8.51
CA PRO B 72 -18.33 27.81 -9.39
C PRO B 72 -16.97 27.41 -8.79
N GLY B 73 -16.52 28.09 -7.74
CA GLY B 73 -15.32 27.70 -6.99
C GLY B 73 -15.63 27.04 -5.65
N GLY B 74 -16.89 26.68 -5.41
CA GLY B 74 -17.34 26.13 -4.11
C GLY B 74 -17.58 27.21 -3.07
N LEU B 75 -18.34 26.87 -2.04
CA LEU B 75 -18.51 27.67 -0.79
C LEU B 75 -17.55 27.10 0.25
N THR B 76 -16.96 27.94 1.07
CA THR B 76 -16.40 27.53 2.38
C THR B 76 -17.38 27.98 3.45
N TYR B 77 -17.35 27.29 4.58
CA TYR B 77 -18.36 27.42 5.66
C TYR B 77 -17.60 27.68 6.95
N PHE B 78 -18.27 28.31 7.92
CA PHE B 78 -17.79 28.39 9.32
C PHE B 78 -18.99 28.33 10.26
N PRO B 79 -18.96 27.41 11.24
CA PRO B 79 -20.07 27.28 12.20
C PRO B 79 -19.91 28.31 13.31
N VAL B 80 -20.84 29.27 13.38
CA VAL B 80 -20.77 30.34 14.40
C VAL B 80 -20.72 29.69 15.78
N ALA B 81 -19.74 30.08 16.58
CA ALA B 81 -19.56 29.63 17.97
C ALA B 81 -19.99 30.76 18.88
N ASP B 82 -21.26 30.67 19.35
CA ASP B 82 -21.86 31.61 20.34
C ASP B 82 -21.29 31.31 21.72
N LEU B 83 -21.06 32.35 22.52
CA LEU B 83 -20.62 32.25 23.92
C LEU B 83 -21.57 31.31 24.69
N SER B 84 -22.88 31.44 24.48
CA SER B 84 -23.91 30.64 25.21
C SER B 84 -23.68 29.14 24.99
N ILE B 85 -23.23 28.73 23.81
CA ILE B 85 -22.95 27.29 23.54
C ILE B 85 -21.64 26.90 24.23
N ILE B 86 -20.58 27.66 23.98
CA ILE B 86 -19.21 27.28 24.42
C ILE B 86 -19.15 27.43 25.93
N ALA B 87 -19.65 28.53 26.49
CA ALA B 87 -19.74 28.71 27.96
C ALA B 87 -20.47 27.54 28.64
N ALA B 88 -21.55 27.04 28.07
CA ALA B 88 -22.34 25.92 28.66
C ALA B 88 -21.50 24.63 28.70
N LEU B 89 -20.80 24.33 27.61
CA LEU B 89 -19.92 23.12 27.55
C LEU B 89 -18.78 23.27 28.58
N TYR B 90 -18.16 24.45 28.61
CA TYR B 90 -17.08 24.78 29.56
C TYR B 90 -17.56 24.57 30.99
N ALA B 91 -18.72 25.12 31.35
CA ALA B 91 -19.24 25.03 32.75
C ALA B 91 -19.52 23.56 33.08
N ARG B 92 -20.04 22.79 32.11
CA ARG B 92 -20.32 21.34 32.30
C ARG B 92 -19.00 20.62 32.62
N PHE B 93 -17.93 20.89 31.88
CA PHE B 93 -16.64 20.18 32.09
C PHE B 93 -16.09 20.55 33.47
N THR B 94 -16.02 21.85 33.76
CA THR B 94 -15.39 22.33 35.01
C THR B 94 -16.20 21.83 36.22
N ALA B 95 -17.54 21.86 36.14
CA ALA B 95 -18.44 21.37 37.22
C ALA B 95 -18.25 19.88 37.46
N GLN B 96 -18.14 19.08 36.39
CA GLN B 96 -17.93 17.59 36.51
C GLN B 96 -16.59 17.32 37.22
N ILE B 97 -15.51 17.96 36.81
CA ILE B 97 -14.17 17.73 37.41
C ILE B 97 -14.14 18.23 38.87
N ARG B 98 -14.55 19.48 39.11
CA ARG B 98 -14.51 20.08 40.47
C ARG B 98 -15.45 19.34 41.41
N GLY B 99 -16.58 18.86 40.91
CA GLY B 99 -17.55 18.07 41.67
C GLY B 99 -16.96 16.74 42.11
N ALA B 100 -16.14 16.11 41.25
CA ALA B 100 -15.70 14.70 41.44
C ALA B 100 -14.40 14.65 42.25
N VAL B 101 -13.66 15.74 42.36
CA VAL B 101 -12.31 15.76 42.99
C VAL B 101 -12.28 16.78 44.14
N ASP B 102 -12.22 16.27 45.37
CA ASP B 102 -12.06 17.10 46.59
C ASP B 102 -10.57 17.20 46.90
N LEU B 103 -9.95 18.32 46.51
CA LEU B 103 -8.50 18.56 46.68
C LEU B 103 -8.09 18.47 48.17
N SER B 104 -8.97 18.81 49.12
CA SER B 104 -8.71 18.75 50.59
C SER B 104 -8.34 17.32 51.02
N LEU B 105 -8.74 16.29 50.24
CA LEU B 105 -8.47 14.88 50.58
C LEU B 105 -7.09 14.41 50.10
N TYR B 106 -6.31 15.27 49.44
CA TYR B 106 -5.06 14.88 48.75
C TYR B 106 -3.89 15.75 49.24
N PRO B 107 -3.24 15.34 50.35
CA PRO B 107 -2.04 16.03 50.84
C PRO B 107 -1.08 16.31 49.67
N ARG B 108 -1.07 17.58 49.26
CA ARG B 108 -0.37 18.12 48.06
C ARG B 108 0.60 19.20 48.58
N GLU B 109 1.76 18.77 49.09
CA GLU B 109 2.74 19.65 49.80
C GLU B 109 3.55 20.46 48.78
N GLY B 110 3.11 21.68 48.50
CA GLY B 110 3.91 22.69 47.79
C GLY B 110 3.84 22.54 46.29
N GLY B 111 2.63 22.60 45.74
CA GLY B 111 2.39 22.70 44.29
C GLY B 111 2.89 21.48 43.53
N VAL B 112 3.09 20.36 44.24
CA VAL B 112 3.40 19.04 43.63
C VAL B 112 2.15 18.20 43.86
N SER B 113 1.52 17.73 42.79
CA SER B 113 0.38 16.79 42.88
C SER B 113 0.93 15.43 43.25
N SER B 114 0.15 14.66 43.98
CA SER B 114 0.49 13.27 44.38
C SER B 114 0.07 12.32 43.25
N ARG B 115 0.70 11.13 43.18
CA ARG B 115 0.29 10.08 42.21
C ARG B 115 -1.18 9.76 42.48
N GLU B 116 -1.61 9.71 43.74
CA GLU B 116 -3.01 9.33 44.09
C GLU B 116 -3.98 10.39 43.49
N LEU B 117 -3.63 11.67 43.53
CA LEU B 117 -4.45 12.77 42.95
C LEU B 117 -4.45 12.64 41.42
N VAL B 118 -3.28 12.41 40.82
CA VAL B 118 -3.22 12.27 39.33
C VAL B 118 -4.07 11.06 38.92
N LYS B 119 -4.01 9.98 39.69
CA LYS B 119 -4.81 8.77 39.40
C LYS B 119 -6.30 9.04 39.57
N LYS B 120 -6.66 9.84 40.56
CA LYS B 120 -8.08 10.20 40.78
C LYS B 120 -8.59 10.96 39.55
N VAL B 121 -7.87 12.00 39.13
CA VAL B 121 -8.32 12.81 37.98
C VAL B 121 -8.42 11.92 36.74
N SER B 122 -7.40 11.08 36.54
N SER B 122 -7.43 11.05 36.50
CA SER B 122 -7.35 10.10 35.43
CA SER B 122 -7.44 10.10 35.35
C SER B 122 -8.58 9.19 35.48
C SER B 122 -8.63 9.14 35.45
N ASP B 123 -8.92 8.65 36.66
CA ASP B 123 -10.06 7.72 36.85
C ASP B 123 -11.37 8.45 36.55
N VAL B 124 -11.48 9.72 36.92
CA VAL B 124 -12.72 10.50 36.67
C VAL B 124 -12.93 10.57 35.15
N ILE B 125 -11.87 10.91 34.38
CA ILE B 125 -11.99 10.94 32.89
C ILE B 125 -12.36 9.52 32.38
N TRP B 126 -11.61 8.52 32.78
CA TRP B 126 -11.73 7.13 32.31
C TRP B 126 -13.14 6.59 32.54
N ASN B 127 -13.66 6.80 33.76
CA ASN B 127 -14.96 6.22 34.18
C ASN B 127 -16.11 6.98 33.53
N SER B 128 -15.87 8.15 32.94
CA SER B 128 -16.91 8.96 32.24
C SER B 128 -17.14 8.43 30.82
N LEU B 129 -16.19 7.67 30.24
CA LEU B 129 -16.23 7.34 28.80
C LEU B 129 -17.26 6.27 28.54
N SER B 130 -17.91 6.35 27.38
CA SER B 130 -18.75 5.27 26.80
C SER B 130 -17.99 3.96 26.81
N ARG B 131 -18.71 2.87 27.07
CA ARG B 131 -18.09 1.53 27.29
C ARG B 131 -17.57 1.00 25.95
N SER B 132 -18.21 1.36 24.84
CA SER B 132 -17.98 0.69 23.53
C SER B 132 -17.90 1.72 22.39
N TYR B 133 -16.74 1.81 21.76
CA TYR B 133 -16.52 2.60 20.52
C TYR B 133 -15.16 2.18 19.97
N PHE B 134 -15.01 2.34 18.67
CA PHE B 134 -13.74 2.03 17.98
C PHE B 134 -12.68 3.05 18.41
N LYS B 135 -11.54 2.53 18.81
CA LYS B 135 -10.37 3.33 19.27
C LYS B 135 -9.79 4.16 18.10
N ASP B 136 -10.05 3.75 16.84
CA ASP B 136 -9.51 4.47 15.65
C ASP B 136 -10.55 5.41 15.07
N ARG B 137 -11.65 5.65 15.78
CA ARG B 137 -12.71 6.61 15.39
C ARG B 137 -12.11 8.02 15.25
N ALA B 138 -12.44 8.72 14.17
CA ALA B 138 -12.04 10.12 13.89
C ALA B 138 -12.86 11.09 14.74
N HIS B 139 -12.29 12.25 15.07
CA HIS B 139 -13.00 13.38 15.74
C HIS B 139 -13.45 13.06 17.17
N ILE B 140 -12.70 12.25 17.92
CA ILE B 140 -12.95 12.02 19.36
C ILE B 140 -11.69 12.39 20.14
N GLN B 141 -11.02 13.47 19.72
CA GLN B 141 -9.73 13.89 20.31
C GLN B 141 -10.00 14.98 21.33
N SER B 142 -11.12 15.72 21.17
CA SER B 142 -11.30 17.02 21.86
C SER B 142 -12.18 16.91 23.10
N LEU B 143 -12.14 17.94 23.94
CA LEU B 143 -13.02 17.98 25.12
C LEU B 143 -14.45 18.18 24.64
N PHE B 144 -14.66 18.68 23.41
CA PHE B 144 -16.02 18.73 22.84
C PHE B 144 -16.57 17.30 22.75
N SER B 145 -15.74 16.40 22.25
CA SER B 145 -16.12 14.98 22.10
C SER B 145 -16.36 14.36 23.47
N PHE B 146 -15.50 14.65 24.44
CA PHE B 146 -15.63 14.14 25.81
C PHE B 146 -16.98 14.56 26.40
N ILE B 147 -17.29 15.84 26.29
CA ILE B 147 -18.46 16.42 27.02
C ILE B 147 -19.73 16.05 26.31
N THR B 148 -19.76 16.12 24.99
CA THR B 148 -21.02 15.91 24.22
C THR B 148 -21.21 14.44 23.83
N GLY B 149 -20.15 13.62 23.76
CA GLY B 149 -20.30 12.22 23.27
C GLY B 149 -19.63 11.18 24.16
N THR B 150 -19.05 11.60 25.28
CA THR B 150 -18.31 10.76 26.26
C THR B 150 -17.42 9.77 25.50
N LYS B 151 -16.74 10.25 24.46
CA LYS B 151 -15.75 9.46 23.67
C LYS B 151 -14.45 10.24 23.58
N LEU B 152 -13.35 9.56 23.89
CA LEU B 152 -12.00 10.08 23.62
C LEU B 152 -11.15 8.96 23.02
N ASP B 153 -10.26 9.35 22.14
CA ASP B 153 -9.20 8.47 21.61
C ASP B 153 -8.08 8.40 22.66
N SER B 154 -7.08 7.58 22.41
CA SER B 154 -6.07 7.23 23.44
C SER B 154 -5.43 8.51 23.98
N SER B 155 -4.80 9.28 23.09
CA SER B 155 -4.09 10.51 23.50
C SER B 155 -5.10 11.58 23.97
N GLY B 156 -6.34 11.53 23.48
CA GLY B 156 -7.43 12.42 23.96
C GLY B 156 -7.66 12.28 25.45
N VAL B 157 -7.60 11.06 25.98
CA VAL B 157 -7.74 10.82 27.43
C VAL B 157 -6.62 11.56 28.16
N ALA B 158 -5.38 11.41 27.71
CA ALA B 158 -4.23 12.06 28.36
C ALA B 158 -4.42 13.58 28.34
N PHE B 159 -4.80 14.11 27.19
CA PHE B 159 -5.02 15.56 27.04
C PHE B 159 -6.10 16.02 28.03
N ALA B 160 -7.20 15.27 28.13
CA ALA B 160 -8.36 15.59 29.00
C ALA B 160 -7.94 15.53 30.46
N VAL B 161 -7.05 14.61 30.85
CA VAL B 161 -6.52 14.54 32.23
C VAL B 161 -5.76 15.84 32.50
N VAL B 162 -4.94 16.28 31.55
CA VAL B 162 -4.15 17.53 31.73
C VAL B 162 -5.11 18.72 31.80
N GLY B 163 -6.12 18.77 30.94
CA GLY B 163 -7.14 19.85 30.97
C GLY B 163 -7.86 19.89 32.30
N ALA B 164 -8.29 18.72 32.78
CA ALA B 164 -8.95 18.55 34.09
C ALA B 164 -8.02 19.03 35.22
N CYS B 165 -6.75 18.64 35.21
CA CYS B 165 -5.75 19.10 36.21
C CYS B 165 -5.60 20.62 36.13
N GLN B 166 -5.56 21.23 34.95
CA GLN B 166 -5.50 22.72 34.86
C GLN B 166 -6.77 23.33 35.48
N ALA B 167 -7.95 22.77 35.23
CA ALA B 167 -9.24 23.22 35.79
C ALA B 167 -9.22 23.13 37.31
N LEU B 168 -8.47 22.18 37.88
CA LEU B 168 -8.32 22.04 39.35
C LEU B 168 -7.18 22.88 39.92
N GLY B 169 -6.41 23.56 39.08
CA GLY B 169 -5.27 24.41 39.52
C GLY B 169 -4.03 23.60 39.80
N LEU B 170 -3.92 22.39 39.25
CA LEU B 170 -2.72 21.55 39.48
C LEU B 170 -1.68 21.91 38.40
N ARG B 171 -0.86 22.92 38.70
CA ARG B 171 -0.01 23.56 37.68
C ARG B 171 1.15 22.66 37.26
N ASP B 172 1.45 21.64 38.06
CA ASP B 172 2.61 20.76 37.82
C ASP B 172 2.24 19.62 36.85
N VAL B 173 0.97 19.36 36.58
CA VAL B 173 0.56 18.21 35.71
C VAL B 173 0.64 18.63 34.23
N HIS B 174 1.49 17.93 33.46
CA HIS B 174 1.72 18.26 32.03
C HIS B 174 1.59 17.04 31.14
N LEU B 175 1.32 17.31 29.88
CA LEU B 175 1.26 16.26 28.84
C LEU B 175 2.68 15.84 28.47
N ALA B 176 2.93 14.54 28.43
CA ALA B 176 4.13 13.92 27.85
C ALA B 176 3.70 13.16 26.62
N LEU B 177 4.55 13.23 25.60
N LEU B 177 4.42 13.30 25.52
CA LEU B 177 4.28 12.73 24.22
CA LEU B 177 4.10 12.47 24.35
C LEU B 177 5.53 12.03 23.73
C LEU B 177 5.40 12.05 23.69
N SER B 178 5.41 10.79 23.29
CA SER B 178 6.37 10.20 22.37
C SER B 178 5.90 10.48 20.94
N GLU B 179 6.36 9.70 19.98
CA GLU B 179 5.88 9.83 18.59
C GLU B 179 4.62 8.97 18.41
N ASP B 180 4.20 8.21 19.41
CA ASP B 180 2.98 7.37 19.24
C ASP B 180 2.21 7.19 20.55
N HIS B 181 2.55 7.87 21.64
CA HIS B 181 1.88 7.62 22.94
C HIS B 181 1.92 8.89 23.78
N ALA B 182 1.04 8.97 24.75
CA ALA B 182 0.89 10.15 25.62
C ALA B 182 0.70 9.64 27.05
N TRP B 183 1.23 10.39 27.99
CA TRP B 183 1.04 10.16 29.44
C TRP B 183 1.21 11.50 30.14
N VAL B 184 1.30 11.49 31.47
CA VAL B 184 1.53 12.79 32.18
C VAL B 184 2.84 12.75 32.97
N VAL B 185 3.42 13.94 33.11
CA VAL B 185 4.52 14.25 34.05
C VAL B 185 3.95 15.15 35.14
N PHE B 186 4.51 15.05 36.33
CA PHE B 186 4.00 15.84 37.47
C PHE B 186 5.12 15.90 38.51
N GLY B 187 4.82 16.56 39.61
CA GLY B 187 5.71 16.60 40.77
C GLY B 187 6.81 17.61 40.56
N PRO B 188 7.78 17.67 41.52
CA PRO B 188 8.86 18.65 41.47
C PRO B 188 9.60 18.43 40.15
N ASN B 189 9.76 19.49 39.36
CA ASN B 189 10.55 19.46 38.10
C ASN B 189 9.91 18.57 37.01
N GLY B 190 8.66 18.14 37.14
CA GLY B 190 8.08 17.21 36.15
C GLY B 190 8.80 15.87 36.11
N GLU B 191 9.45 15.47 37.23
CA GLU B 191 10.32 14.28 37.32
C GLU B 191 9.44 13.02 37.54
N GLN B 192 8.19 13.14 37.94
CA GLN B 192 7.32 11.94 38.13
C GLN B 192 6.58 11.64 36.83
N THR B 193 6.28 10.36 36.55
CA THR B 193 5.50 10.00 35.36
C THR B 193 4.37 9.11 35.78
N ALA B 194 3.24 9.25 35.10
CA ALA B 194 2.09 8.34 35.27
C ALA B 194 1.44 8.11 33.92
N GLU B 195 1.22 6.83 33.60
CA GLU B 195 0.34 6.41 32.51
C GLU B 195 -1.10 6.77 32.90
N VAL B 196 -1.87 7.31 31.97
CA VAL B 196 -3.28 7.70 32.16
C VAL B 196 -4.19 7.09 31.08
N THR B 197 -3.65 6.46 30.05
CA THR B 197 -4.50 5.98 28.93
C THR B 197 -3.97 4.63 28.43
N TRP B 198 -4.68 4.05 27.49
CA TRP B 198 -4.28 2.79 26.85
C TRP B 198 -3.30 3.11 25.72
N HIS B 199 -2.63 2.09 25.24
CA HIS B 199 -1.91 2.16 23.95
C HIS B 199 -2.23 0.92 23.14
N GLY B 200 -2.46 1.07 21.84
CA GLY B 200 -2.67 -0.05 20.92
C GLY B 200 -3.95 -0.83 21.25
N LYS B 201 -4.00 -2.10 20.87
CA LYS B 201 -5.16 -3.02 21.08
C LYS B 201 -4.63 -4.24 21.82
N GLY B 202 -5.30 -4.65 22.91
CA GLY B 202 -5.05 -5.90 23.65
C GLY B 202 -3.73 -5.88 24.41
N ASN B 203 -3.27 -4.69 24.83
CA ASN B 203 -2.03 -4.54 25.65
C ASN B 203 -2.40 -4.51 27.14
N GLU B 204 -1.46 -4.87 28.01
CA GLU B 204 -1.63 -4.91 29.49
C GLU B 204 -1.95 -3.49 29.99
N ASP B 205 -2.85 -3.34 30.97
CA ASP B 205 -3.25 -2.02 31.51
C ASP B 205 -2.12 -1.51 32.41
N ARG B 206 -1.49 -0.37 32.09
CA ARG B 206 -0.39 0.18 32.93
C ARG B 206 -0.83 1.53 33.55
N ARG B 207 -2.13 1.85 33.58
CA ARG B 207 -2.58 3.15 34.12
C ARG B 207 -2.08 3.29 35.55
N GLY B 208 -1.51 4.44 35.88
CA GLY B 208 -0.96 4.69 37.22
C GLY B 208 0.54 4.53 37.25
N GLN B 209 1.08 3.67 36.40
CA GLN B 209 2.50 3.25 36.42
C GLN B 209 3.40 4.40 35.91
N THR B 210 4.67 4.39 36.33
CA THR B 210 5.73 5.21 35.70
C THR B 210 6.01 4.71 34.28
N VAL B 211 6.80 5.45 33.53
CA VAL B 211 7.30 5.01 32.20
C VAL B 211 8.74 4.52 32.33
N ASN B 212 9.22 4.21 33.54
CA ASN B 212 10.66 3.86 33.67
C ASN B 212 11.01 2.56 32.93
N ALA B 213 10.14 1.55 32.94
CA ALA B 213 10.37 0.27 32.23
C ALA B 213 10.47 0.54 30.73
N GLY B 214 9.59 1.40 30.21
CA GLY B 214 9.53 1.70 28.77
C GLY B 214 10.81 2.39 28.31
N VAL B 215 11.28 3.36 29.10
CA VAL B 215 12.53 4.09 28.83
C VAL B 215 13.68 3.08 28.85
N ALA B 216 13.74 2.20 29.86
CA ALA B 216 14.87 1.27 30.05
C ALA B 216 14.91 0.25 28.92
N GLU B 217 13.74 -0.18 28.37
CA GLU B 217 13.71 -1.26 27.38
C GLU B 217 14.17 -0.72 26.00
N ARG B 218 14.34 0.59 25.85
CA ARG B 218 14.80 1.19 24.57
C ARG B 218 13.80 0.88 23.44
N SER B 219 12.50 0.86 23.78
CA SER B 219 11.41 0.84 22.80
C SER B 219 11.32 2.22 22.14
N TRP B 220 10.93 2.24 20.89
CA TRP B 220 10.61 3.52 20.21
C TRP B 220 9.48 4.22 20.97
N LEU B 221 8.51 3.46 21.48
CA LEU B 221 7.32 4.09 22.12
C LEU B 221 7.74 5.09 23.22
N TYR B 222 8.85 4.89 23.92
CA TYR B 222 9.27 5.78 25.03
C TYR B 222 10.52 6.58 24.67
N LEU B 223 11.01 6.43 23.44
CA LEU B 223 12.09 7.27 22.84
C LEU B 223 13.34 7.30 23.73
N LYS B 224 13.60 6.23 24.48
CA LYS B 224 14.80 6.18 25.38
C LYS B 224 14.78 7.38 26.33
N GLY B 225 13.60 7.93 26.69
CA GLY B 225 13.52 9.08 27.61
C GLY B 225 13.59 10.43 26.90
N SER B 226 13.78 10.47 25.59
CA SER B 226 13.89 11.73 24.81
C SER B 226 12.52 12.10 24.27
N TYR B 227 11.52 11.98 25.10
CA TYR B 227 10.12 12.30 24.75
C TYR B 227 9.82 13.76 25.10
N MET B 228 8.71 14.27 24.57
CA MET B 228 8.28 15.68 24.78
C MET B 228 7.68 15.85 26.17
N ARG B 229 8.22 16.78 26.96
CA ARG B 229 7.61 17.19 28.26
C ARG B 229 6.96 18.55 28.01
N CYS B 230 5.66 18.58 27.80
CA CYS B 230 5.00 19.83 27.35
C CYS B 230 4.93 20.87 28.49
N ASP B 231 5.08 22.14 28.12
CA ASP B 231 4.52 23.26 28.93
C ASP B 231 3.11 23.54 28.43
N ARG B 232 2.41 24.50 29.02
CA ARG B 232 0.99 24.78 28.61
C ARG B 232 0.92 25.20 27.15
N LYS B 233 1.90 25.94 26.65
CA LYS B 233 1.87 26.41 25.25
C LYS B 233 2.04 25.24 24.28
N MET B 234 2.88 24.27 24.63
CA MET B 234 3.07 23.07 23.80
C MET B 234 1.80 22.22 23.83
N GLU B 235 1.04 22.26 24.92
CA GLU B 235 -0.24 21.53 25.02
C GLU B 235 -1.25 22.15 24.06
N VAL B 236 -1.20 23.46 23.90
CA VAL B 236 -2.00 24.14 22.86
C VAL B 236 -1.52 23.68 21.50
N ALA B 237 -0.21 23.61 21.25
CA ALA B 237 0.30 23.14 19.96
C ALA B 237 -0.21 21.70 19.68
N PHE B 238 -0.29 20.88 20.72
CA PHE B 238 -0.75 19.47 20.58
C PHE B 238 -2.20 19.45 20.07
N MET B 239 -3.07 20.24 20.69
CA MET B 239 -4.51 20.23 20.31
C MET B 239 -4.65 20.72 18.87
N VAL B 240 -3.76 21.61 18.42
CA VAL B 240 -3.81 22.12 17.04
C VAL B 240 -3.36 20.99 16.09
N CYS B 241 -2.28 20.26 16.41
CA CYS B 241 -1.87 19.10 15.57
C CYS B 241 -2.98 18.04 15.61
N ALA B 242 -3.74 17.98 16.71
CA ALA B 242 -4.80 16.95 16.88
C ALA B 242 -6.00 17.28 15.99
N ILE B 243 -6.11 18.50 15.47
CA ILE B 243 -7.23 18.79 14.53
C ILE B 243 -7.23 17.74 13.43
N ASN B 244 -8.40 17.19 13.11
CA ASN B 244 -8.56 16.14 12.09
C ASN B 244 -9.48 16.62 10.98
N PRO B 245 -8.91 17.08 9.84
CA PRO B 245 -9.73 17.62 8.73
C PRO B 245 -10.59 16.59 7.98
N SER B 246 -10.41 15.28 8.25
CA SER B 246 -11.09 14.22 7.46
C SER B 246 -12.61 14.32 7.62
N ILE B 247 -13.30 14.46 6.50
CA ILE B 247 -14.79 14.41 6.45
C ILE B 247 -15.19 12.93 6.28
N ASP B 248 -14.40 12.18 5.53
CA ASP B 248 -14.63 10.76 5.19
C ASP B 248 -13.31 10.24 4.60
N LEU B 249 -13.22 8.97 4.22
CA LEU B 249 -11.94 8.30 3.83
C LEU B 249 -11.18 9.12 2.76
N HIS B 250 -11.86 9.72 1.77
CA HIS B 250 -11.20 10.29 0.57
C HIS B 250 -11.46 11.79 0.43
N THR B 251 -11.85 12.53 1.48
CA THR B 251 -12.04 14.00 1.37
C THR B 251 -11.86 14.72 2.73
N ASP B 252 -11.14 15.85 2.69
CA ASP B 252 -10.75 16.71 3.84
C ASP B 252 -11.50 18.04 3.77
N SER B 253 -11.87 18.57 4.93
CA SER B 253 -12.34 19.97 5.10
C SER B 253 -11.15 20.88 4.80
N LEU B 254 -11.23 21.62 3.70
CA LEU B 254 -10.26 22.70 3.42
C LEU B 254 -10.23 23.66 4.60
N GLU B 255 -11.40 23.99 5.16
CA GLU B 255 -11.49 24.96 6.26
C GLU B 255 -10.64 24.51 7.45
N LEU B 256 -10.73 23.23 7.82
CA LEU B 256 -9.95 22.71 8.99
C LEU B 256 -8.45 22.68 8.67
N LEU B 257 -8.08 22.35 7.44
CA LEU B 257 -6.67 22.46 7.00
C LEU B 257 -6.21 23.90 7.17
N GLN B 258 -7.01 24.88 6.70
CA GLN B 258 -6.61 26.31 6.74
C GLN B 258 -6.51 26.74 8.20
N LEU B 259 -7.48 26.33 9.04
CA LEU B 259 -7.47 26.68 10.48
C LEU B 259 -6.18 26.11 11.14
N GLN B 260 -5.85 24.84 10.87
CA GLN B 260 -4.66 24.19 11.46
C GLN B 260 -3.41 24.93 10.98
N GLN B 261 -3.35 25.23 9.70
CA GLN B 261 -2.22 25.95 9.08
C GLN B 261 -2.04 27.30 9.77
N LYS B 262 -3.12 28.09 9.90
CA LYS B 262 -3.01 29.43 10.51
C LYS B 262 -2.63 29.33 11.97
N LEU B 263 -3.21 28.36 12.70
CA LEU B 263 -2.87 28.21 14.12
C LEU B 263 -1.41 27.76 14.29
N LEU B 264 -0.92 26.87 13.43
CA LEU B 264 0.50 26.44 13.54
C LEU B 264 1.44 27.62 13.27
N TRP B 265 1.11 28.50 12.31
CA TRP B 265 1.93 29.72 12.07
C TRP B 265 1.91 30.64 13.29
N LEU B 266 0.77 30.79 13.96
CA LEU B 266 0.67 31.59 15.20
C LEU B 266 1.64 31.02 16.23
N LEU B 267 1.52 29.70 16.48
CA LEU B 267 2.38 29.02 17.47
C LEU B 267 3.86 29.18 17.07
N TYR B 268 4.18 28.99 15.79
CA TYR B 268 5.53 29.12 15.23
C TYR B 268 6.11 30.49 15.60
N ASP B 269 5.36 31.55 15.28
CA ASP B 269 5.78 32.96 15.50
C ASP B 269 6.03 33.21 16.98
N LEU B 270 5.27 32.57 17.89
CA LEU B 270 5.43 32.77 19.35
C LEU B 270 6.52 31.87 19.92
N GLY B 271 7.16 31.01 19.12
CA GLY B 271 8.25 30.16 19.62
C GLY B 271 7.76 28.80 20.13
N HIS B 272 6.48 28.47 19.99
CA HIS B 272 5.89 27.30 20.69
C HIS B 272 6.03 26.01 19.88
N LEU B 273 6.61 26.06 18.68
CA LEU B 273 6.88 24.83 17.90
C LEU B 273 8.37 24.52 17.97
N GLU B 274 9.19 25.32 18.68
CA GLU B 274 10.67 25.11 18.66
C GLU B 274 11.06 23.71 19.12
N ARG B 275 10.34 23.17 20.09
CA ARG B 275 10.63 21.86 20.74
C ARG B 275 9.59 20.84 20.29
N TYR B 276 9.03 21.02 19.10
CA TYR B 276 7.90 20.17 18.62
C TYR B 276 8.15 19.75 17.19
N PRO B 277 9.13 18.81 16.94
CA PRO B 277 9.46 18.40 15.59
C PRO B 277 8.26 18.01 14.72
N MET B 278 7.32 17.19 15.24
CA MET B 278 6.19 16.72 14.41
C MET B 278 5.31 17.90 14.02
N ALA B 279 5.19 18.93 14.87
CA ALA B 279 4.33 20.10 14.50
C ALA B 279 4.95 20.82 13.32
N LEU B 280 6.29 20.92 13.31
CA LEU B 280 7.05 21.55 12.19
C LEU B 280 6.86 20.74 10.93
N GLY B 281 6.85 19.41 11.01
CA GLY B 281 6.63 18.57 9.82
C GLY B 281 5.20 18.70 9.34
N ASN B 282 4.24 18.78 10.27
CA ASN B 282 2.81 19.02 9.95
C ASN B 282 2.69 20.36 9.20
N LEU B 283 3.34 21.40 9.72
CA LEU B 283 3.30 22.75 9.08
C LEU B 283 3.93 22.71 7.69
N ALA B 284 5.06 22.02 7.51
CA ALA B 284 5.75 21.83 6.21
C ALA B 284 4.81 21.16 5.21
N ASP B 285 4.10 20.12 5.64
CA ASP B 285 3.15 19.37 4.78
C ASP B 285 2.00 20.29 4.32
N LEU B 286 1.48 21.12 5.21
CA LEU B 286 0.39 22.08 4.89
C LEU B 286 0.91 23.14 3.90
N GLU B 287 2.14 23.61 4.09
CA GLU B 287 2.82 24.61 3.21
C GLU B 287 3.03 24.01 1.81
N GLU B 288 3.33 22.72 1.72
CA GLU B 288 3.46 22.05 0.42
C GLU B 288 2.10 22.06 -0.26
N LEU B 289 1.02 21.77 0.47
CA LEU B 289 -0.37 21.78 -0.09
C LEU B 289 -0.69 23.18 -0.62
N GLU B 290 -0.44 24.21 0.19
CA GLU B 290 -0.86 25.60 -0.12
C GLU B 290 0.14 26.54 0.53
N PRO B 291 1.20 26.96 -0.20
CA PRO B 291 2.23 27.81 0.38
C PRO B 291 1.66 29.14 0.84
N THR B 292 2.10 29.60 2.00
CA THR B 292 1.75 30.92 2.60
C THR B 292 2.76 31.95 2.08
N PRO B 293 2.32 32.99 1.35
CA PRO B 293 3.22 34.07 0.93
C PRO B 293 4.09 34.57 2.08
N GLY B 294 5.39 34.69 1.83
CA GLY B 294 6.35 35.31 2.75
C GLY B 294 6.92 34.30 3.74
N ARG B 295 6.52 33.01 3.68
CA ARG B 295 6.92 32.02 4.72
C ARG B 295 8.05 31.14 4.23
N PRO B 296 8.84 30.53 5.15
CA PRO B 296 9.83 29.54 4.73
C PRO B 296 9.19 28.44 3.88
N ASP B 297 9.96 27.83 2.99
CA ASP B 297 9.47 26.75 2.11
C ASP B 297 9.42 25.46 2.92
N PRO B 298 8.67 24.44 2.46
CA PRO B 298 8.59 23.15 3.17
C PRO B 298 9.96 22.58 3.59
N LEU B 299 10.91 22.55 2.67
CA LEU B 299 12.24 21.96 2.92
C LEU B 299 12.87 22.66 4.13
N THR B 300 12.83 24.00 4.20
CA THR B 300 13.36 24.75 5.36
C THR B 300 12.67 24.23 6.63
N LEU B 301 11.35 24.02 6.57
CA LEU B 301 10.58 23.61 7.77
C LEU B 301 10.91 22.16 8.15
N TYR B 302 11.08 21.27 7.19
CA TYR B 302 11.46 19.86 7.51
C TYR B 302 12.82 19.86 8.20
N HIS B 303 13.74 20.66 7.67
CA HIS B 303 15.11 20.81 8.25
C HIS B 303 15.02 21.39 9.66
N LYS B 304 14.12 22.34 9.92
CA LYS B 304 13.91 22.90 11.28
C LYS B 304 13.41 21.79 12.20
N GLY B 305 12.52 20.92 11.73
CA GLY B 305 12.06 19.75 12.53
C GLY B 305 13.23 18.89 12.98
N ILE B 306 14.15 18.57 12.07
CA ILE B 306 15.33 17.73 12.36
C ILE B 306 16.24 18.50 13.35
N ALA B 307 16.48 19.78 13.11
CA ALA B 307 17.29 20.64 14.01
C ALA B 307 16.69 20.62 15.42
N SER B 308 15.36 20.70 15.53
CA SER B 308 14.65 20.60 16.82
C SER B 308 14.94 19.26 17.49
N ALA B 309 14.85 18.15 16.73
CA ALA B 309 15.10 16.81 17.32
C ALA B 309 16.56 16.71 17.78
N LYS B 310 17.48 17.25 16.99
CA LYS B 310 18.91 17.26 17.36
C LYS B 310 19.16 18.08 18.61
N THR B 311 18.47 19.19 18.79
CA THR B 311 18.74 20.21 19.83
C THR B 311 18.14 19.74 21.16
N TYR B 312 16.90 19.25 21.14
CA TYR B 312 16.08 19.05 22.35
C TYR B 312 15.90 17.57 22.69
N TYR B 313 16.13 16.67 21.75
CA TYR B 313 15.73 15.23 21.92
C TYR B 313 16.87 14.30 21.51
N ARG B 314 18.12 14.74 21.58
CA ARG B 314 19.32 13.90 21.34
C ARG B 314 19.28 13.19 19.99
N ASP B 315 18.59 13.76 19.00
CA ASP B 315 18.45 13.16 17.65
C ASP B 315 17.91 11.73 17.78
N GLU B 316 16.96 11.50 18.68
CA GLU B 316 16.39 10.15 18.92
C GLU B 316 14.97 10.04 18.39
N HIS B 317 14.51 11.01 17.63
CA HIS B 317 13.19 10.95 16.96
C HIS B 317 13.28 10.42 15.53
N ILE B 318 12.24 9.71 15.09
CA ILE B 318 12.22 9.07 13.77
C ILE B 318 11.45 9.95 12.78
N TYR B 319 10.34 10.52 13.18
CA TYR B 319 9.46 11.18 12.18
C TYR B 319 10.13 12.37 11.48
N PRO B 320 11.02 13.15 12.12
CA PRO B 320 11.59 14.31 11.41
C PRO B 320 12.21 13.85 10.08
N TYR B 321 12.88 12.69 10.10
CA TYR B 321 13.57 12.17 8.90
C TYR B 321 12.53 11.62 7.93
N ILE B 322 11.48 11.00 8.45
CA ILE B 322 10.41 10.42 7.57
C ILE B 322 9.70 11.57 6.84
N TYR B 323 9.40 12.64 7.54
CA TYR B 323 8.75 13.83 6.90
C TYR B 323 9.61 14.31 5.73
N LEU B 324 10.90 14.48 5.96
CA LEU B 324 11.83 14.96 4.91
C LEU B 324 11.92 13.97 3.75
N ALA B 325 12.13 12.69 4.05
CA ALA B 325 12.26 11.65 3.01
C ALA B 325 10.99 11.64 2.16
N GLY B 326 9.84 11.76 2.81
CA GLY B 326 8.54 11.79 2.09
C GLY B 326 8.48 12.92 1.09
N TYR B 327 8.91 14.10 1.51
CA TYR B 327 8.92 15.29 0.64
C TYR B 327 9.80 15.02 -0.57
N HIS B 328 10.99 14.49 -0.36
CA HIS B 328 11.96 14.20 -1.45
C HIS B 328 11.37 13.16 -2.41
N CYS B 329 10.65 12.18 -1.87
N CYS B 329 10.66 12.14 -1.90
CA CYS B 329 10.00 11.15 -2.69
CA CYS B 329 10.01 11.11 -2.75
C CYS B 329 8.96 11.80 -3.61
C CYS B 329 8.91 11.76 -3.62
N ARG B 330 8.09 12.63 -3.04
CA ARG B 330 6.99 13.29 -3.79
C ARG B 330 7.60 14.20 -4.86
N ASN B 331 8.77 14.78 -4.63
CA ASN B 331 9.43 15.73 -5.57
C ASN B 331 10.45 15.03 -6.47
N ARG B 332 10.47 13.68 -6.47
CA ARG B 332 11.34 12.82 -7.34
C ARG B 332 12.81 13.21 -7.13
N ASN B 333 13.19 13.53 -5.91
CA ASN B 333 14.60 13.74 -5.57
C ASN B 333 15.13 12.39 -5.09
N VAL B 334 15.53 11.51 -6.00
CA VAL B 334 15.82 10.10 -5.68
C VAL B 334 16.98 10.03 -4.67
N ARG B 335 18.12 10.68 -4.95
CA ARG B 335 19.30 10.65 -4.05
C ARG B 335 18.93 11.15 -2.67
N GLU B 336 18.25 12.28 -2.58
CA GLU B 336 17.98 12.95 -1.28
C GLU B 336 17.00 12.07 -0.48
N ALA B 337 16.05 11.45 -1.15
CA ALA B 337 15.05 10.56 -0.52
C ALA B 337 15.78 9.36 0.08
N LEU B 338 16.66 8.73 -0.68
CA LEU B 338 17.42 7.54 -0.18
C LEU B 338 18.31 7.93 0.99
N GLN B 339 18.96 9.09 0.91
CA GLN B 339 19.84 9.61 2.01
C GLN B 339 18.99 9.84 3.26
N ALA B 340 17.81 10.43 3.13
CA ALA B 340 16.92 10.67 4.27
C ALA B 340 16.39 9.34 4.84
N TRP B 341 16.05 8.34 4.01
CA TRP B 341 15.61 7.02 4.52
C TRP B 341 16.80 6.34 5.23
N ALA B 342 18.01 6.48 4.68
CA ALA B 342 19.25 6.01 5.35
C ALA B 342 19.37 6.66 6.73
N ASP B 343 19.19 7.97 6.82
CA ASP B 343 19.30 8.71 8.10
C ASP B 343 18.21 8.22 9.08
N THR B 344 17.01 7.90 8.59
CA THR B 344 15.89 7.37 9.41
C THR B 344 16.32 6.08 10.07
N ALA B 345 16.88 5.18 9.25
CA ALA B 345 17.33 3.85 9.71
C ALA B 345 18.49 4.03 10.69
N THR B 346 19.30 5.05 10.53
CA THR B 346 20.46 5.30 11.44
C THR B 346 19.95 5.70 12.83
N VAL B 347 18.78 6.36 12.96
CA VAL B 347 18.20 6.63 14.30
C VAL B 347 17.61 5.33 14.86
N ILE B 348 16.82 4.59 14.06
CA ILE B 348 16.09 3.42 14.62
C ILE B 348 17.07 2.33 15.07
N GLN B 349 18.25 2.24 14.47
CA GLN B 349 19.14 1.09 14.75
C GLN B 349 19.57 1.06 16.23
N ASP B 350 19.49 2.19 16.94
N ASP B 350 19.49 2.19 16.95
CA ASP B 350 19.88 2.29 18.37
CA ASP B 350 19.88 2.26 18.38
C ASP B 350 18.65 2.11 19.27
C ASP B 350 18.66 2.04 19.30
N TYR B 351 17.56 1.57 18.72
CA TYR B 351 16.36 1.11 19.45
C TYR B 351 16.29 -0.42 19.40
N ASN B 352 15.46 -0.99 20.27
CA ASN B 352 15.00 -2.40 20.21
C ASN B 352 13.54 -2.38 19.79
N TYR B 353 13.16 -3.24 18.85
CA TYR B 353 11.79 -3.33 18.33
C TYR B 353 10.93 -4.04 19.37
N CYS B 354 10.05 -3.32 20.03
CA CYS B 354 9.24 -3.89 21.14
C CYS B 354 7.78 -4.04 20.67
N ARG B 355 6.96 -4.71 21.47
CA ARG B 355 5.61 -5.21 21.07
C ARG B 355 4.61 -4.05 20.92
N GLU B 356 4.92 -2.82 21.33
CA GLU B 356 3.99 -1.68 21.18
C GLU B 356 4.54 -0.65 20.17
N ASP B 357 5.58 -1.02 19.42
CA ASP B 357 6.27 -0.17 18.43
C ASP B 357 5.71 -0.36 17.03
N GLU B 358 4.58 -1.08 16.89
CA GLU B 358 4.14 -1.47 15.53
C GLU B 358 3.95 -0.27 14.60
N GLU B 359 3.54 0.92 15.04
CA GLU B 359 3.28 2.02 14.10
C GLU B 359 4.57 2.40 13.38
N ILE B 360 5.74 2.37 14.04
CA ILE B 360 6.97 2.76 13.32
C ILE B 360 7.42 1.60 12.44
N TYR B 361 7.14 0.36 12.83
CA TYR B 361 7.40 -0.81 11.95
C TYR B 361 6.59 -0.63 10.66
N LYS B 362 5.32 -0.24 10.79
CA LYS B 362 4.47 -0.02 9.60
C LYS B 362 5.10 1.01 8.66
N GLU B 363 5.70 2.09 9.18
CA GLU B 363 6.35 3.11 8.33
C GLU B 363 7.55 2.46 7.61
N PHE B 364 8.44 1.77 8.34
CA PHE B 364 9.62 1.15 7.71
C PHE B 364 9.18 0.10 6.70
N PHE B 365 8.16 -0.70 7.00
CA PHE B 365 7.57 -1.69 6.07
C PHE B 365 7.16 -0.95 4.80
N GLU B 366 6.43 0.18 4.93
CA GLU B 366 5.93 0.89 3.73
C GLU B 366 7.12 1.46 2.93
N VAL B 367 8.16 1.97 3.61
CA VAL B 367 9.33 2.54 2.91
C VAL B 367 10.02 1.40 2.16
N ALA B 368 10.38 0.31 2.85
CA ALA B 368 11.16 -0.81 2.25
C ALA B 368 10.39 -1.47 1.10
N ASN B 369 9.08 -1.68 1.28
CA ASN B 369 8.32 -2.64 0.46
C ASN B 369 7.37 -1.93 -0.50
N ASP B 370 7.39 -0.63 -0.53
CA ASP B 370 6.49 0.15 -1.43
C ASP B 370 7.18 1.42 -1.93
N VAL B 371 7.50 2.33 -1.03
CA VAL B 371 7.99 3.69 -1.42
C VAL B 371 9.34 3.57 -2.13
N ILE B 372 10.34 2.91 -1.54
CA ILE B 372 11.67 2.76 -2.20
C ILE B 372 11.48 2.03 -3.53
N PRO B 373 10.81 0.87 -3.60
CA PRO B 373 10.60 0.24 -4.91
C PRO B 373 9.98 1.17 -5.97
N ASN B 374 8.95 1.95 -5.59
CA ASN B 374 8.29 2.88 -6.55
C ASN B 374 9.27 3.98 -6.97
N LEU B 375 10.03 4.54 -6.02
CA LEU B 375 11.07 5.58 -6.31
C LEU B 375 12.13 5.07 -7.28
N LEU B 376 12.66 3.87 -7.06
CA LEU B 376 13.72 3.30 -7.94
C LEU B 376 13.10 2.93 -9.31
N LYS B 377 11.83 2.51 -9.36
CA LYS B 377 11.10 2.24 -10.62
C LYS B 377 11.02 3.54 -11.43
N GLU B 378 10.61 4.64 -10.80
CA GLU B 378 10.51 5.97 -11.46
C GLU B 378 11.89 6.34 -12.00
N ALA B 379 12.93 6.14 -11.18
CA ALA B 379 14.32 6.41 -11.58
C ALA B 379 14.69 5.54 -12.79
N ALA B 380 14.34 4.25 -12.81
CA ALA B 380 14.61 3.36 -13.94
C ALA B 380 13.93 3.93 -15.20
N SER B 381 12.71 4.45 -15.08
CA SER B 381 11.97 5.02 -16.24
C SER B 381 12.69 6.27 -16.75
N LEU B 382 13.12 7.15 -15.86
CA LEU B 382 13.90 8.37 -16.21
C LEU B 382 15.18 7.95 -16.96
N LEU B 383 15.92 6.97 -16.43
CA LEU B 383 17.20 6.49 -17.01
C LEU B 383 16.96 5.98 -18.44
N GLU B 384 15.88 5.23 -18.65
CA GLU B 384 15.46 4.68 -19.97
C GLU B 384 15.26 5.85 -20.95
N ALA B 385 14.53 6.89 -20.54
CA ALA B 385 14.17 8.05 -21.40
C ALA B 385 15.46 8.82 -21.69
N GLY B 386 15.83 9.00 -22.96
CA GLY B 386 17.20 9.38 -23.32
C GLY B 386 18.18 8.27 -22.96
N GLU B 387 18.07 7.13 -23.66
CA GLU B 387 19.02 6.00 -23.60
C GLU B 387 20.22 6.31 -24.50
N GLY B 401 23.31 12.55 -14.22
CA GLY B 401 23.61 11.12 -13.96
C GLY B 401 22.58 10.50 -13.03
N SER B 402 21.97 9.38 -13.44
CA SER B 402 20.92 8.67 -12.68
C SER B 402 21.47 8.26 -11.31
N ALA B 403 20.65 8.37 -10.28
CA ALA B 403 20.88 7.76 -8.96
C ALA B 403 21.26 6.30 -9.13
N LEU B 404 20.71 5.62 -10.12
CA LEU B 404 20.90 4.16 -10.29
C LEU B 404 22.33 3.85 -10.77
N GLN B 405 23.05 4.85 -11.25
CA GLN B 405 24.46 4.68 -11.72
C GLN B 405 25.41 5.19 -10.65
N ASP B 406 24.89 5.57 -9.48
CA ASP B 406 25.69 6.20 -8.40
C ASP B 406 25.92 5.22 -7.26
N PRO B 407 27.16 4.76 -7.03
CA PRO B 407 27.49 3.88 -5.91
C PRO B 407 27.07 4.44 -4.55
N GLU B 408 27.11 5.76 -4.37
CA GLU B 408 26.75 6.39 -3.08
C GLU B 408 25.24 6.22 -2.83
N CYS B 409 24.45 6.23 -3.90
N CYS B 409 24.44 6.27 -3.89
CA CYS B 409 22.98 6.03 -3.81
CA CYS B 409 22.98 6.02 -3.79
C CYS B 409 22.71 4.59 -3.41
C CYS B 409 22.75 4.59 -3.38
N PHE B 410 23.43 3.65 -4.02
CA PHE B 410 23.40 2.23 -3.61
C PHE B 410 23.80 2.13 -2.14
N ALA B 411 24.86 2.83 -1.70
CA ALA B 411 25.29 2.79 -0.28
C ALA B 411 24.15 3.27 0.63
N HIS B 412 23.37 4.28 0.22
CA HIS B 412 22.24 4.77 1.07
C HIS B 412 21.20 3.64 1.23
N LEU B 413 20.86 2.98 0.12
CA LEU B 413 19.94 1.81 0.14
C LEU B 413 20.48 0.77 1.14
N LEU B 414 21.77 0.44 1.10
CA LEU B 414 22.33 -0.59 2.01
C LEU B 414 22.33 -0.09 3.45
N ARG B 415 22.59 1.20 3.68
CA ARG B 415 22.62 1.76 5.04
C ARG B 415 21.23 1.68 5.65
N PHE B 416 20.18 1.91 4.84
CA PHE B 416 18.77 1.78 5.27
C PHE B 416 18.55 0.35 5.80
N TYR B 417 18.95 -0.66 5.04
CA TYR B 417 18.72 -2.07 5.44
C TYR B 417 19.58 -2.39 6.64
N ASP B 418 20.81 -1.88 6.69
CA ASP B 418 21.71 -2.12 7.82
C ASP B 418 21.09 -1.62 9.12
N GLY B 419 20.51 -0.41 9.12
CA GLY B 419 19.82 0.15 10.29
C GLY B 419 18.67 -0.72 10.71
N ILE B 420 17.86 -1.19 9.76
CA ILE B 420 16.70 -2.09 10.07
C ILE B 420 17.24 -3.37 10.72
N CYS B 421 18.30 -3.98 10.16
CA CYS B 421 18.88 -5.23 10.71
C CYS B 421 19.41 -4.99 12.12
N LYS B 422 20.07 -3.85 12.37
CA LYS B 422 20.65 -3.51 13.70
C LYS B 422 19.51 -3.24 14.70
N TRP B 423 18.43 -2.56 14.26
CA TRP B 423 17.21 -2.39 15.08
C TRP B 423 16.73 -3.77 15.56
N GLU B 424 16.64 -4.73 14.64
CA GLU B 424 16.11 -6.09 14.95
C GLU B 424 16.99 -6.77 16.01
N GLU B 425 18.30 -6.60 15.95
CA GLU B 425 19.25 -7.30 16.85
C GLU B 425 18.88 -7.01 18.31
N GLY B 426 18.79 -8.06 19.14
CA GLY B 426 18.52 -7.94 20.59
C GLY B 426 17.07 -7.58 20.86
N SER B 427 16.22 -7.54 19.84
CA SER B 427 14.81 -7.11 20.00
C SER B 427 13.99 -8.33 20.38
N PRO B 428 12.92 -8.14 21.17
CA PRO B 428 12.04 -9.26 21.53
C PRO B 428 11.12 -9.67 20.37
N THR B 429 10.96 -8.85 19.34
CA THR B 429 10.09 -9.18 18.19
C THR B 429 10.93 -9.06 16.93
N PRO B 430 10.82 -10.04 15.99
CA PRO B 430 11.47 -9.96 14.69
C PRO B 430 10.91 -8.81 13.84
N VAL B 431 11.74 -8.34 12.94
CA VAL B 431 11.41 -7.24 12.02
C VAL B 431 11.31 -7.79 10.63
N LEU B 432 12.34 -8.53 10.17
CA LEU B 432 12.49 -8.93 8.75
C LEU B 432 11.72 -10.23 8.49
N HIS B 433 10.99 -10.29 7.39
CA HIS B 433 10.20 -11.47 6.93
C HIS B 433 10.51 -11.68 5.45
N VAL B 434 10.09 -12.80 4.86
CA VAL B 434 10.57 -13.16 3.48
C VAL B 434 10.08 -12.10 2.51
N GLY B 435 8.95 -11.45 2.79
CA GLY B 435 8.39 -10.37 1.95
C GLY B 435 9.34 -9.19 1.79
N TRP B 436 10.12 -8.88 2.84
CA TRP B 436 11.14 -7.81 2.77
C TRP B 436 12.23 -8.25 1.79
N ALA B 437 12.56 -9.53 1.79
CA ALA B 437 13.66 -10.05 0.95
C ALA B 437 13.28 -9.87 -0.51
N THR B 438 12.03 -10.14 -0.89
CA THR B 438 11.55 -9.94 -2.27
C THR B 438 11.87 -8.51 -2.76
N PHE B 439 11.49 -7.53 -1.96
CA PHE B 439 11.65 -6.10 -2.34
C PHE B 439 13.13 -5.71 -2.32
N LEU B 440 13.91 -6.21 -1.36
CA LEU B 440 15.37 -5.95 -1.31
C LEU B 440 15.98 -6.44 -2.63
N VAL B 441 15.68 -7.66 -3.05
CA VAL B 441 16.21 -8.21 -4.34
C VAL B 441 15.80 -7.33 -5.50
N GLN B 442 14.54 -6.89 -5.57
CA GLN B 442 14.10 -6.00 -6.67
C GLN B 442 14.91 -4.67 -6.63
N SER B 443 15.09 -4.09 -5.44
CA SER B 443 15.77 -2.79 -5.30
C SER B 443 17.24 -2.94 -5.66
N LEU B 444 17.90 -4.00 -5.17
CA LEU B 444 19.31 -4.27 -5.52
C LEU B 444 19.45 -4.31 -7.04
N GLY B 445 18.54 -4.98 -7.73
CA GLY B 445 18.63 -5.22 -9.19
C GLY B 445 18.42 -3.96 -9.99
N ARG B 446 17.96 -2.86 -9.39
CA ARG B 446 17.92 -1.55 -10.11
C ARG B 446 19.32 -0.99 -10.36
N PHE B 447 20.32 -1.48 -9.63
CA PHE B 447 21.72 -0.99 -9.78
C PHE B 447 22.54 -2.10 -10.48
N GLU B 448 23.24 -1.74 -11.55
CA GLU B 448 24.12 -2.70 -12.30
C GLU B 448 25.16 -3.31 -11.34
N GLY B 449 25.55 -4.58 -11.56
CA GLY B 449 26.61 -5.24 -10.77
C GLY B 449 27.85 -4.35 -10.65
N GLN B 450 28.29 -3.74 -11.75
CA GLN B 450 29.54 -2.94 -11.76
C GLN B 450 29.36 -1.70 -10.87
N VAL B 451 28.15 -1.17 -10.72
CA VAL B 451 27.87 -0.02 -9.80
C VAL B 451 27.86 -0.57 -8.38
N ARG B 452 27.17 -1.68 -8.11
CA ARG B 452 27.08 -2.22 -6.74
C ARG B 452 28.47 -2.63 -6.25
N GLN B 453 29.31 -3.16 -7.14
CA GLN B 453 30.65 -3.69 -6.76
C GLN B 453 31.60 -2.53 -6.36
N LYS B 454 31.27 -1.29 -6.69
CA LYS B 454 32.06 -0.08 -6.30
C LYS B 454 31.59 0.52 -4.97
N VAL B 455 30.63 -0.09 -4.26
CA VAL B 455 30.03 0.52 -3.05
C VAL B 455 31.08 0.61 -1.95
N ARG B 456 31.01 1.68 -1.14
CA ARG B 456 31.89 1.93 0.01
C ARG B 456 31.01 2.03 1.25
N ILE B 457 30.97 0.95 2.01
CA ILE B 457 30.16 0.90 3.24
C ILE B 457 30.86 -0.01 4.24
N THR B 458 30.67 0.47 5.68
CA THR B 458 30.96 -0.51 6.74
C THR B 458 29.63 -0.84 7.40
N PHE B 459 29.27 -2.12 7.47
CA PHE B 459 28.01 -2.53 8.12
C PHE B 459 28.16 -2.63 9.63
N GLN B 460 27.10 -2.29 10.34
CA GLN B 460 27.00 -2.46 11.80
C GLN B 460 26.21 -3.72 12.17
N SER B 461 25.36 -4.24 11.27
CA SER B 461 24.49 -5.40 11.55
C SER B 461 25.21 -6.67 11.11
N GLU B 462 25.05 -7.71 11.91
CA GLU B 462 25.58 -9.06 11.58
C GLU B 462 24.95 -9.55 10.27
N LYS B 463 23.67 -9.33 10.07
CA LYS B 463 22.96 -9.83 8.86
C LYS B 463 23.59 -9.20 7.63
N MET B 464 23.78 -7.88 7.61
CA MET B 464 24.34 -7.25 6.37
C MET B 464 25.82 -7.62 6.21
N LYS B 465 26.58 -7.71 7.29
CA LYS B 465 28.00 -8.18 7.19
C LYS B 465 28.05 -9.55 6.50
N GLY B 466 27.16 -10.46 6.90
CA GLY B 466 27.05 -11.82 6.33
C GLY B 466 26.63 -11.82 4.86
N MET B 467 25.87 -10.82 4.45
N MET B 467 25.86 -10.83 4.44
CA MET B 467 25.24 -10.76 3.11
CA MET B 467 25.25 -10.76 3.08
C MET B 467 26.08 -9.93 2.14
C MET B 467 26.12 -9.97 2.11
N LYS B 468 27.22 -9.37 2.57
CA LYS B 468 27.93 -8.37 1.75
C LYS B 468 28.28 -8.91 0.36
N GLU B 469 28.70 -10.16 0.22
CA GLU B 469 29.04 -10.73 -1.12
C GLU B 469 27.75 -10.86 -1.96
N LEU B 470 26.64 -11.28 -1.37
CA LEU B 470 25.36 -11.47 -2.10
C LEU B 470 24.87 -10.11 -2.65
N LEU B 471 25.09 -9.04 -1.89
CA LEU B 471 24.50 -7.70 -2.22
C LEU B 471 25.21 -7.11 -3.42
N VAL B 472 26.45 -7.53 -3.69
CA VAL B 472 27.26 -6.91 -4.78
C VAL B 472 27.46 -7.88 -5.94
N ALA B 473 26.96 -9.11 -5.87
CA ALA B 473 27.18 -10.14 -6.92
C ALA B 473 26.48 -9.71 -8.20
N THR B 474 27.11 -9.97 -9.34
CA THR B 474 26.52 -9.61 -10.66
C THR B 474 25.15 -10.27 -10.77
N LYS B 475 25.09 -11.56 -10.49
CA LYS B 475 23.85 -12.36 -10.49
C LYS B 475 23.35 -12.40 -9.04
N ILE B 476 22.19 -11.82 -8.81
CA ILE B 476 21.60 -11.75 -7.45
C ILE B 476 20.94 -13.08 -7.14
N ASN B 477 21.30 -13.66 -6.01
CA ASN B 477 20.77 -14.96 -5.54
C ASN B 477 19.61 -14.72 -4.57
N SER B 478 18.39 -14.73 -5.08
CA SER B 478 17.17 -14.44 -4.29
C SER B 478 17.03 -15.42 -3.12
N SER B 479 17.27 -16.72 -3.30
CA SER B 479 17.10 -17.72 -2.24
C SER B 479 18.06 -17.44 -1.08
N ALA B 480 19.32 -17.17 -1.40
CA ALA B 480 20.37 -16.88 -0.38
C ALA B 480 20.07 -15.59 0.40
N ILE B 481 19.62 -14.56 -0.31
CA ILE B 481 19.24 -13.28 0.34
C ILE B 481 18.03 -13.50 1.25
N LYS B 482 17.04 -14.27 0.79
CA LYS B 482 15.85 -14.56 1.63
C LYS B 482 16.29 -15.28 2.91
N LEU B 483 17.14 -16.31 2.78
CA LEU B 483 17.57 -17.12 3.95
C LEU B 483 18.29 -16.18 4.93
N GLN B 484 19.24 -15.39 4.42
CA GLN B 484 20.12 -14.61 5.33
C GLN B 484 19.32 -13.45 5.95
N LEU B 485 18.48 -12.77 5.18
CA LEU B 485 17.73 -11.60 5.71
C LEU B 485 16.76 -12.07 6.80
N THR B 486 16.22 -13.28 6.69
CA THR B 486 15.10 -13.71 7.58
C THR B 486 15.60 -14.65 8.68
N ALA B 487 16.90 -14.91 8.77
CA ALA B 487 17.48 -15.77 9.82
C ALA B 487 17.09 -15.26 11.22
N GLN B 488 16.84 -16.20 12.14
CA GLN B 488 16.48 -15.90 13.57
C GLN B 488 17.67 -16.24 14.48
N SER B 489 18.35 -17.36 14.22
CA SER B 489 19.64 -17.81 14.84
C SER B 489 20.14 -16.77 15.85
#